data_3A3K
#
_entry.id   3A3K
#
_cell.length_a   120.521
_cell.length_b   120.521
_cell.length_c   160.613
_cell.angle_alpha   90.00
_cell.angle_beta   90.00
_cell.angle_gamma   90.00
#
_symmetry.space_group_name_H-M   'P 41 21 2'
#
loop_
_entity.id
_entity.type
_entity.pdbx_description
1 polymer 'Atrial natriuretic peptide receptor A'
2 branched 2-acetamido-2-deoxy-beta-D-glucopyranose-(1-4)-2-acetamido-2-deoxy-beta-D-glucopyranose
3 non-polymer 2-acetamido-2-deoxy-beta-D-glucopyranose
4 non-polymer 'SULFATE ION'
5 non-polymer 'BROMIDE ION'
6 water water
#
_entity_poly.entity_id   1
_entity_poly.type   'polypeptide(L)'
_entity_poly.pdbx_seq_one_letter_code
;SDLTVAVVLPLTNTSYPWSWARVGPAVELALARVKARPDLLPGWTVRMVLGSSENAAGVCSDTAAPLAAVDLKWEHSPAV
FLGPGCVYSAAPVGRFTAHWRVPLLTAGAPALGIGVKDEYALTTRTGPSHVKLGDFVTALHRRLGWEHQALVLYADRLGD
DRPCFFIVEGLYMRVRERLNITVNHQEFVEGDPDHYPKLLRAVRRKGRVIYICSSPDAFRNLMLLALNAGLTGEDYVFFH
LDVFGQSLKSAQGLVPQKPWERGDGQDRSARQAFQAAKIITYKEPDNPEYLEFLKQLKLLADKKFNFTVEDGLKNIIPAS
FHDGLLLYVQAVTETLAQGGTVTDGENITQRMWNRSFQGVTGYLKIDRNGDRDTDFSLWDMDPETGAFRVVLNYNGTSQE
LMAVSEHKLYWPLGYPPPDVPKCGFDNEDPACNQD
;
_entity_poly.pdbx_strand_id   A,B
#
loop_
_chem_comp.id
_chem_comp.type
_chem_comp.name
_chem_comp.formula
BR non-polymer 'BROMIDE ION' 'Br -1'
NAG D-saccharide, beta linking 2-acetamido-2-deoxy-beta-D-glucopyranose 'C8 H15 N O6'
SO4 non-polymer 'SULFATE ION' 'O4 S -2'
#
# COMPACT_ATOMS: atom_id res chain seq x y z
N SER A 1 -1.79 -59.68 -5.98
CA SER A 1 -0.53 -58.89 -6.16
C SER A 1 -0.81 -57.43 -5.82
N ASP A 2 0.25 -56.61 -5.84
CA ASP A 2 0.15 -55.22 -5.43
C ASP A 2 -0.05 -54.26 -6.60
N LEU A 3 -1.01 -53.36 -6.43
CA LEU A 3 -1.13 -52.18 -7.29
C LEU A 3 -0.52 -51.03 -6.50
N THR A 4 0.71 -50.68 -6.86
CA THR A 4 1.46 -49.63 -6.19
C THR A 4 1.09 -48.23 -6.72
N VAL A 5 0.74 -47.34 -5.80
CA VAL A 5 0.41 -45.97 -6.13
C VAL A 5 1.50 -45.07 -5.59
N ALA A 6 2.08 -44.26 -6.47
CA ALA A 6 3.12 -43.31 -6.08
C ALA A 6 2.51 -41.94 -5.83
N VAL A 7 2.72 -41.42 -4.64
CA VAL A 7 2.19 -40.12 -4.29
C VAL A 7 3.31 -39.09 -4.28
N VAL A 8 3.11 -38.00 -5.01
CA VAL A 8 4.00 -36.86 -4.94
C VAL A 8 3.17 -35.64 -4.54
N LEU A 9 3.14 -35.36 -3.23
CA LEU A 9 2.37 -34.26 -2.70
C LEU A 9 3.14 -33.64 -1.53
N PRO A 10 2.63 -32.51 -0.98
CA PRO A 10 3.31 -31.94 0.17
C PRO A 10 3.08 -32.79 1.43
N LEU A 11 4.11 -33.53 1.83
CA LEU A 11 4.05 -34.48 2.95
C LEU A 11 4.14 -33.88 4.35
N THR A 12 4.77 -32.71 4.49
CA THR A 12 4.95 -32.07 5.80
C THR A 12 4.25 -30.71 5.91
N ASN A 13 4.21 -29.93 4.84
CA ASN A 13 3.46 -28.68 4.83
C ASN A 13 1.96 -28.95 4.75
N THR A 14 1.20 -28.42 5.72
CA THR A 14 -0.23 -28.73 5.83
C THR A 14 -1.16 -27.65 5.25
N SER A 15 -0.57 -26.65 4.60
CA SER A 15 -1.33 -25.47 4.21
C SER A 15 -1.91 -25.47 2.78
N TYR A 16 -1.60 -26.49 2.00
CA TYR A 16 -2.12 -26.59 0.63
C TYR A 16 -3.43 -27.37 0.66
N PRO A 17 -4.37 -27.08 -0.28
CA PRO A 17 -5.58 -27.88 -0.38
C PRO A 17 -5.31 -29.35 -0.71
N TRP A 18 -4.15 -29.61 -1.30
CA TRP A 18 -3.73 -30.96 -1.67
C TRP A 18 -2.61 -31.50 -0.77
N SER A 19 -2.40 -30.84 0.38
CA SER A 19 -1.42 -31.31 1.38
C SER A 19 -1.73 -32.76 1.76
N TRP A 20 -0.71 -33.52 2.14
CA TRP A 20 -0.93 -34.92 2.54
C TRP A 20 -1.84 -35.05 3.77
N ALA A 21 -1.73 -34.09 4.70
CA ALA A 21 -2.57 -34.05 5.89
C ALA A 21 -4.07 -34.03 5.58
N ARG A 22 -4.44 -33.63 4.35
CA ARG A 22 -5.86 -33.64 3.98
C ARG A 22 -6.16 -34.71 2.96
N VAL A 23 -5.21 -34.97 2.08
CA VAL A 23 -5.40 -35.91 0.97
C VAL A 23 -5.18 -37.33 1.44
N GLY A 24 -4.23 -37.52 2.36
CA GLY A 24 -3.95 -38.82 2.98
C GLY A 24 -5.12 -39.45 3.71
N PRO A 25 -5.76 -38.71 4.64
CA PRO A 25 -6.99 -39.24 5.26
C PRO A 25 -8.06 -39.54 4.21
N ALA A 26 -8.21 -38.69 3.19
CA ALA A 26 -9.18 -38.93 2.12
C ALA A 26 -8.84 -40.19 1.33
N VAL A 27 -7.57 -40.39 1.02
CA VAL A 27 -7.10 -41.58 0.33
C VAL A 27 -7.36 -42.84 1.17
N GLU A 28 -7.16 -42.74 2.47
CA GLU A 28 -7.46 -43.85 3.38
C GLU A 28 -8.94 -44.25 3.34
N LEU A 29 -9.81 -43.26 3.36
CA LEU A 29 -11.25 -43.53 3.29
C LEU A 29 -11.58 -44.23 1.96
N ALA A 30 -10.90 -43.83 0.88
CA ALA A 30 -11.10 -44.42 -0.43
C ALA A 30 -10.67 -45.88 -0.43
N LEU A 31 -9.51 -46.16 0.13
CA LEU A 31 -8.99 -47.53 0.19
C LEU A 31 -9.81 -48.42 1.11
N ALA A 32 -10.53 -47.85 2.08
CA ALA A 32 -11.40 -48.64 2.96
C ALA A 32 -12.69 -49.01 2.24
N ARG A 33 -13.21 -48.10 1.44
CA ARG A 33 -14.34 -48.40 0.58
C ARG A 33 -14.01 -49.52 -0.41
N VAL A 34 -12.83 -49.46 -1.02
CA VAL A 34 -12.36 -50.49 -1.95
C VAL A 34 -12.19 -51.85 -1.28
N LYS A 35 -11.56 -51.86 -0.11
CA LYS A 35 -11.35 -53.08 0.66
C LYS A 35 -12.67 -53.76 1.03
N ALA A 36 -13.74 -52.99 1.13
CA ALA A 36 -15.07 -53.53 1.46
C ALA A 36 -15.90 -53.87 0.22
N ARG A 37 -15.29 -53.79 -0.95
CA ARG A 37 -15.92 -54.22 -2.20
C ARG A 37 -15.02 -55.24 -2.90
N PRO A 38 -15.24 -56.55 -2.62
CA PRO A 38 -14.42 -57.62 -3.20
C PRO A 38 -14.57 -57.76 -4.71
N ASP A 39 -15.63 -57.17 -5.27
CA ASP A 39 -15.82 -57.12 -6.71
C ASP A 39 -14.82 -56.21 -7.42
N LEU A 40 -14.11 -55.38 -6.63
CA LEU A 40 -13.15 -54.43 -7.17
C LEU A 40 -11.72 -54.94 -7.05
N LEU A 41 -10.93 -54.66 -8.07
CA LEU A 41 -9.53 -55.09 -8.16
C LEU A 41 -9.33 -56.55 -7.75
N PRO A 42 -10.00 -57.49 -8.45
CA PRO A 42 -9.93 -58.93 -8.15
C PRO A 42 -8.48 -59.44 -8.16
N GLY A 43 -7.99 -59.83 -6.99
CA GLY A 43 -6.63 -60.32 -6.84
C GLY A 43 -5.55 -59.26 -6.92
N TRP A 44 -5.89 -58.02 -6.51
CA TRP A 44 -4.93 -56.93 -6.41
C TRP A 44 -5.19 -56.09 -5.16
N THR A 45 -4.13 -55.80 -4.41
CA THR A 45 -4.19 -54.93 -3.25
C THR A 45 -3.44 -53.60 -3.47
N VAL A 46 -4.15 -52.48 -3.40
CA VAL A 46 -3.55 -51.15 -3.52
C VAL A 46 -2.59 -50.82 -2.37
N ARG A 47 -1.30 -50.65 -2.66
CA ARG A 47 -0.37 -50.12 -1.66
C ARG A 47 0.17 -48.75 -2.10
N MET A 48 0.53 -47.94 -1.11
CA MET A 48 0.89 -46.54 -1.34
C MET A 48 2.35 -46.30 -0.96
N VAL A 49 3.11 -45.69 -1.88
CA VAL A 49 4.44 -45.19 -1.57
C VAL A 49 4.46 -43.67 -1.69
N LEU A 50 5.14 -43.00 -0.78
CA LEU A 50 5.08 -41.54 -0.67
C LEU A 50 6.41 -40.85 -0.91
N GLY A 51 6.36 -39.76 -1.65
CA GLY A 51 7.50 -38.89 -1.91
C GLY A 51 7.02 -37.46 -1.83
N SER A 52 7.91 -36.55 -1.46
CA SER A 52 7.49 -35.17 -1.21
C SER A 52 7.85 -34.24 -2.34
N SER A 53 6.93 -33.30 -2.60
CA SER A 53 7.13 -32.28 -3.61
C SER A 53 7.86 -31.06 -3.05
N GLU A 54 8.08 -31.04 -1.74
CA GLU A 54 8.65 -29.87 -1.03
C GLU A 54 10.18 -29.72 -1.15
N ASN A 55 10.63 -28.48 -1.34
CA ASN A 55 12.07 -28.18 -1.25
C ASN A 55 12.52 -28.07 0.22
N ALA A 56 13.75 -27.66 0.48
CA ALA A 56 14.22 -27.49 1.87
C ALA A 56 13.40 -26.45 2.63
N ALA A 57 13.02 -25.35 1.96
CA ALA A 57 12.21 -24.29 2.52
C ALA A 57 10.79 -24.71 2.92
N GLY A 58 10.36 -25.91 2.50
CA GLY A 58 9.06 -26.43 2.89
C GLY A 58 7.90 -26.15 1.92
N VAL A 59 8.21 -25.51 0.79
CA VAL A 59 7.20 -25.25 -0.25
C VAL A 59 7.29 -26.26 -1.39
N CYS A 60 6.18 -26.45 -2.11
CA CYS A 60 6.16 -27.34 -3.26
C CYS A 60 7.04 -26.72 -4.36
N SER A 61 7.85 -27.55 -5.01
CA SER A 61 8.93 -27.07 -5.87
C SER A 61 8.91 -27.71 -7.25
N ASP A 62 9.37 -26.96 -8.26
CA ASP A 62 9.50 -27.50 -9.61
C ASP A 62 10.67 -28.47 -9.74
N THR A 63 11.50 -28.55 -8.69
CA THR A 63 12.65 -29.46 -8.66
C THR A 63 12.45 -30.67 -7.75
N ALA A 64 12.07 -30.43 -6.50
CA ALA A 64 11.90 -31.52 -5.54
C ALA A 64 10.91 -32.58 -6.04
N ALA A 65 9.84 -32.14 -6.70
CA ALA A 65 8.79 -33.06 -7.16
C ALA A 65 9.25 -34.05 -8.25
N PRO A 66 9.80 -33.56 -9.39
CA PRO A 66 10.31 -34.52 -10.39
C PRO A 66 11.47 -35.40 -9.89
N LEU A 67 12.33 -34.86 -9.03
CA LEU A 67 13.34 -35.68 -8.37
C LEU A 67 12.70 -36.81 -7.56
N ALA A 68 11.63 -36.50 -6.82
CA ALA A 68 10.90 -37.50 -6.03
C ALA A 68 10.18 -38.52 -6.90
N ALA A 69 9.53 -38.06 -7.98
CA ALA A 69 8.85 -38.95 -8.92
C ALA A 69 9.83 -39.95 -9.55
N VAL A 70 11.02 -39.47 -9.89
CA VAL A 70 12.05 -40.34 -10.50
C VAL A 70 12.48 -41.43 -9.50
N ASP A 71 12.84 -41.01 -8.29
CA ASP A 71 13.13 -41.94 -7.19
C ASP A 71 12.04 -42.99 -6.95
N LEU A 72 10.78 -42.55 -6.83
CA LEU A 72 9.68 -43.50 -6.62
C LEU A 72 9.53 -44.44 -7.81
N LYS A 73 9.68 -43.91 -9.01
CA LYS A 73 9.60 -44.71 -10.23
C LYS A 73 10.66 -45.84 -10.26
N TRP A 74 11.93 -45.50 -10.00
CA TRP A 74 12.98 -46.52 -9.90
C TRP A 74 12.64 -47.54 -8.81
N GLU A 75 12.46 -47.06 -7.58
CA GLU A 75 12.37 -47.94 -6.43
C GLU A 75 11.12 -48.83 -6.41
N HIS A 76 9.99 -48.36 -6.95
CA HIS A 76 8.72 -49.08 -6.74
C HIS A 76 7.97 -49.50 -7.99
N SER A 77 8.43 -49.08 -9.16
CA SER A 77 7.69 -49.30 -10.41
C SER A 77 6.18 -49.14 -10.21
N PRO A 78 5.72 -47.92 -9.81
CA PRO A 78 4.30 -47.72 -9.57
C PRO A 78 3.44 -47.90 -10.81
N ALA A 79 2.24 -48.40 -10.61
CA ALA A 79 1.26 -48.50 -11.69
C ALA A 79 0.64 -47.14 -12.05
N VAL A 80 0.69 -46.17 -11.13
CA VAL A 80 0.00 -44.89 -11.29
C VAL A 80 0.58 -43.85 -10.33
N PHE A 81 0.54 -42.59 -10.74
CA PHE A 81 0.90 -41.47 -9.87
C PHE A 81 -0.29 -40.70 -9.33
N LEU A 82 -0.23 -40.35 -8.06
CA LEU A 82 -1.23 -39.49 -7.44
C LEU A 82 -0.56 -38.16 -7.08
N GLY A 83 -1.09 -37.06 -7.62
CA GLY A 83 -0.47 -35.77 -7.48
C GLY A 83 0.62 -35.62 -8.53
N PRO A 84 1.35 -34.49 -8.53
CA PRO A 84 1.32 -33.34 -7.63
C PRO A 84 0.09 -32.42 -7.77
N GLY A 85 -0.09 -31.53 -6.79
CA GLY A 85 -1.15 -30.54 -6.80
C GLY A 85 -0.76 -29.16 -7.33
N CYS A 86 0.43 -28.68 -6.98
CA CYS A 86 0.94 -27.39 -7.47
C CYS A 86 1.19 -27.44 -8.97
N VAL A 87 0.82 -26.35 -9.67
CA VAL A 87 1.10 -26.23 -11.10
C VAL A 87 2.58 -26.44 -11.34
N TYR A 88 3.42 -25.76 -10.56
CA TYR A 88 4.85 -25.81 -10.74
C TYR A 88 5.49 -27.18 -10.52
N SER A 89 4.90 -27.95 -9.60
CA SER A 89 5.33 -29.33 -9.41
C SER A 89 4.75 -30.25 -10.49
N ALA A 90 3.48 -30.02 -10.84
CA ALA A 90 2.79 -30.89 -11.78
C ALA A 90 3.39 -30.84 -13.18
N ALA A 91 3.79 -29.64 -13.62
CA ALA A 91 4.25 -29.46 -14.99
C ALA A 91 5.41 -30.41 -15.37
N PRO A 92 6.53 -30.38 -14.63
CA PRO A 92 7.61 -31.34 -14.91
C PRO A 92 7.27 -32.81 -14.62
N VAL A 93 6.51 -33.10 -13.58
CA VAL A 93 6.18 -34.50 -13.25
C VAL A 93 5.31 -35.16 -14.34
N GLY A 94 4.35 -34.40 -14.85
CA GLY A 94 3.46 -34.88 -15.90
C GLY A 94 4.12 -35.19 -17.22
N ARG A 95 5.20 -34.47 -17.55
CA ARG A 95 5.97 -34.77 -18.75
C ARG A 95 6.75 -36.07 -18.55
N PHE A 96 7.25 -36.30 -17.33
CA PHE A 96 7.92 -37.58 -17.03
C PHE A 96 6.96 -38.77 -17.12
N THR A 97 5.81 -38.67 -16.46
CA THR A 97 4.84 -39.77 -16.44
C THR A 97 4.33 -40.07 -17.85
N ALA A 98 4.20 -39.04 -18.67
CA ALA A 98 3.80 -39.22 -20.07
C ALA A 98 4.83 -40.03 -20.83
N HIS A 99 6.10 -39.75 -20.56
CA HIS A 99 7.22 -40.39 -21.22
C HIS A 99 7.30 -41.84 -20.76
N TRP A 100 6.93 -42.08 -19.51
CA TRP A 100 6.92 -43.43 -18.98
C TRP A 100 5.66 -44.20 -19.37
N ARG A 101 4.68 -43.48 -19.93
CA ARG A 101 3.37 -44.03 -20.26
C ARG A 101 2.65 -44.61 -19.03
N VAL A 102 2.88 -43.94 -17.90
CA VAL A 102 2.22 -44.25 -16.64
C VAL A 102 1.19 -43.17 -16.32
N PRO A 103 -0.06 -43.57 -16.01
CA PRO A 103 -1.12 -42.62 -15.68
C PRO A 103 -0.81 -41.79 -14.44
N LEU A 104 -1.16 -40.51 -14.49
CA LEU A 104 -1.08 -39.60 -13.34
C LEU A 104 -2.47 -39.06 -13.02
N LEU A 105 -2.86 -39.13 -11.75
CA LEU A 105 -4.15 -38.64 -11.27
C LEU A 105 -3.98 -37.45 -10.34
N THR A 106 -4.74 -36.39 -10.57
CA THR A 106 -4.65 -35.23 -9.70
C THR A 106 -5.95 -34.45 -9.64
N ALA A 107 -6.18 -33.82 -8.49
CA ALA A 107 -7.32 -32.93 -8.33
C ALA A 107 -6.83 -31.50 -8.18
N GLY A 108 -5.51 -31.32 -8.30
CA GLY A 108 -4.91 -30.01 -8.46
C GLY A 108 -4.61 -29.76 -9.93
N ALA A 109 -3.46 -29.13 -10.19
CA ALA A 109 -2.95 -28.78 -11.52
C ALA A 109 -3.95 -28.06 -12.45
N PRO A 110 -4.63 -27.01 -11.96
CA PRO A 110 -5.70 -26.44 -12.79
C PRO A 110 -5.24 -25.67 -14.04
N ALA A 111 -3.94 -25.44 -14.16
CA ALA A 111 -3.38 -24.59 -15.21
C ALA A 111 -3.69 -25.05 -16.62
N LEU A 112 -3.91 -24.09 -17.51
CA LEU A 112 -4.20 -24.34 -18.91
C LEU A 112 -3.23 -25.34 -19.54
N GLY A 113 -1.92 -25.13 -19.30
CA GLY A 113 -0.86 -25.90 -19.96
C GLY A 113 -0.97 -27.41 -19.78
N ILE A 114 -1.52 -27.83 -18.64
CA ILE A 114 -1.72 -29.25 -18.33
C ILE A 114 -2.82 -29.86 -19.21
N GLY A 115 -3.71 -29.02 -19.71
CA GLY A 115 -4.77 -29.49 -20.61
C GLY A 115 -4.30 -29.89 -21.99
N VAL A 116 -3.04 -29.59 -22.34
CA VAL A 116 -2.48 -30.02 -23.61
C VAL A 116 -2.07 -31.49 -23.43
N LYS A 117 -2.99 -32.39 -23.72
CA LYS A 117 -2.81 -33.81 -23.39
C LYS A 117 -1.91 -34.59 -24.36
N ASP A 118 -1.57 -33.99 -25.51
CA ASP A 118 -0.51 -34.53 -26.36
C ASP A 118 0.82 -34.52 -25.63
N GLU A 119 1.07 -33.46 -24.87
CA GLU A 119 2.22 -33.41 -23.96
C GLU A 119 1.93 -34.16 -22.66
N TYR A 120 0.80 -33.82 -22.04
CA TYR A 120 0.43 -34.42 -20.74
C TYR A 120 -0.43 -35.67 -20.91
N ALA A 121 0.15 -36.63 -21.61
CA ALA A 121 -0.54 -37.88 -21.91
C ALA A 121 -0.79 -38.68 -20.63
N LEU A 122 -1.99 -39.23 -20.53
CA LEU A 122 -2.38 -40.08 -19.40
C LEU A 122 -2.51 -39.29 -18.08
N THR A 123 -2.60 -37.96 -18.17
CA THR A 123 -2.96 -37.13 -17.03
C THR A 123 -4.48 -36.99 -16.96
N THR A 124 -5.05 -37.42 -15.84
CA THR A 124 -6.47 -37.26 -15.59
C THR A 124 -6.67 -36.31 -14.43
N ARG A 125 -7.43 -35.25 -14.68
CA ARG A 125 -7.69 -34.21 -13.68
C ARG A 125 -9.10 -34.37 -13.14
N THR A 126 -9.22 -34.64 -11.84
CA THR A 126 -10.51 -34.95 -11.23
C THR A 126 -10.97 -33.85 -10.30
N GLY A 127 -10.21 -32.75 -10.28
CA GLY A 127 -10.60 -31.55 -9.58
C GLY A 127 -10.89 -30.45 -10.60
N PRO A 128 -11.06 -29.20 -10.15
CA PRO A 128 -11.29 -28.14 -11.12
C PRO A 128 -10.06 -27.83 -11.98
N SER A 129 -10.30 -27.20 -13.12
CA SER A 129 -9.26 -26.61 -13.95
C SER A 129 -9.74 -25.25 -14.43
N HIS A 130 -8.80 -24.39 -14.81
CA HIS A 130 -9.14 -22.99 -15.04
C HIS A 130 -9.89 -22.69 -16.35
N VAL A 131 -9.75 -23.53 -17.37
CA VAL A 131 -10.55 -23.36 -18.58
C VAL A 131 -12.04 -23.51 -18.28
N LYS A 132 -12.36 -24.34 -17.29
CA LYS A 132 -13.74 -24.53 -16.89
C LYS A 132 -14.36 -23.22 -16.42
N LEU A 133 -13.56 -22.37 -15.80
CA LEU A 133 -14.02 -21.05 -15.40
C LEU A 133 -14.31 -20.21 -16.64
N GLY A 134 -13.51 -20.39 -17.68
CA GLY A 134 -13.78 -19.78 -18.98
C GLY A 134 -15.13 -20.20 -19.55
N ASP A 135 -15.50 -21.46 -19.35
CA ASP A 135 -16.83 -21.94 -19.74
C ASP A 135 -17.94 -21.22 -18.96
N PHE A 136 -17.70 -21.01 -17.66
CA PHE A 136 -18.67 -20.33 -16.82
C PHE A 136 -18.87 -18.87 -17.27
N VAL A 137 -17.76 -18.17 -17.49
CA VAL A 137 -17.82 -16.78 -17.98
C VAL A 137 -18.52 -16.70 -19.34
N THR A 138 -18.14 -17.59 -20.26
CA THR A 138 -18.82 -17.74 -21.54
C THR A 138 -20.34 -17.79 -21.37
N ALA A 139 -20.82 -18.69 -20.51
CA ALA A 139 -22.26 -18.82 -20.24
C ALA A 139 -22.87 -17.53 -19.72
N LEU A 140 -22.25 -16.93 -18.69
CA LEU A 140 -22.70 -15.66 -18.12
C LEU A 140 -22.93 -14.58 -19.16
N HIS A 141 -21.94 -14.39 -20.03
CA HIS A 141 -21.98 -13.37 -21.07
C HIS A 141 -23.08 -13.61 -22.09
N ARG A 142 -23.35 -14.88 -22.37
CA ARG A 142 -24.42 -15.22 -23.31
C ARG A 142 -25.79 -15.01 -22.68
N ARG A 143 -25.89 -15.31 -21.39
CA ARG A 143 -27.12 -15.08 -20.64
C ARG A 143 -27.46 -13.59 -20.54
N LEU A 144 -26.44 -12.76 -20.28
CA LEU A 144 -26.65 -11.35 -19.97
C LEU A 144 -26.45 -10.38 -21.15
N GLY A 145 -26.10 -10.92 -22.32
CA GLY A 145 -25.95 -10.13 -23.54
C GLY A 145 -24.67 -9.32 -23.70
N TRP A 146 -23.63 -9.68 -22.95
CA TRP A 146 -22.31 -9.04 -23.06
C TRP A 146 -21.49 -9.71 -24.14
N GLU A 147 -21.34 -9.07 -25.30
CA GLU A 147 -20.63 -9.70 -26.41
C GLU A 147 -19.50 -8.88 -27.03
N HIS A 148 -18.98 -7.88 -26.31
CA HIS A 148 -17.90 -7.04 -26.86
C HIS A 148 -16.63 -6.99 -26.03
N GLN A 149 -16.77 -6.66 -24.75
CA GLN A 149 -15.59 -6.29 -23.97
C GLN A 149 -15.67 -6.68 -22.49
N ALA A 150 -14.50 -6.99 -21.93
CA ALA A 150 -14.32 -7.28 -20.51
C ALA A 150 -12.92 -6.90 -20.09
N LEU A 151 -12.75 -6.54 -18.81
CA LEU A 151 -11.45 -6.25 -18.25
C LEU A 151 -11.17 -7.19 -17.08
N VAL A 152 -9.96 -7.71 -17.00
CA VAL A 152 -9.52 -8.56 -15.88
C VAL A 152 -8.33 -7.97 -15.12
N LEU A 153 -8.50 -7.79 -13.81
CA LEU A 153 -7.42 -7.36 -12.94
C LEU A 153 -7.04 -8.49 -12.02
N TYR A 154 -5.74 -8.69 -11.79
CA TYR A 154 -5.30 -9.81 -10.99
C TYR A 154 -3.97 -9.59 -10.28
N ALA A 155 -3.83 -10.20 -9.12
CA ALA A 155 -2.61 -10.08 -8.34
C ALA A 155 -2.26 -11.37 -7.63
N ASP A 156 -0.98 -11.56 -7.34
CA ASP A 156 -0.49 -12.73 -6.59
C ASP A 156 0.53 -12.34 -5.54
N ARG A 157 0.77 -13.25 -4.59
CA ARG A 157 1.84 -13.13 -3.60
C ARG A 157 3.25 -13.00 -4.23
N LEU A 158 4.28 -12.90 -3.39
CA LEU A 158 5.60 -12.43 -3.84
C LEU A 158 6.19 -13.21 -5.03
N GLY A 159 5.97 -14.53 -5.04
CA GLY A 159 6.48 -15.37 -6.13
C GLY A 159 6.32 -16.82 -5.78
N ASP A 160 5.21 -17.41 -6.21
CA ASP A 160 4.90 -18.81 -5.88
C ASP A 160 4.16 -19.51 -7.01
N ASP A 161 3.07 -20.21 -6.67
CA ASP A 161 2.29 -20.96 -7.66
C ASP A 161 1.38 -20.02 -8.44
N ARG A 162 1.51 -18.72 -8.16
CA ARG A 162 0.75 -17.66 -8.84
C ARG A 162 -0.69 -18.05 -9.19
N PRO A 163 -1.52 -18.41 -8.19
CA PRO A 163 -2.87 -18.87 -8.51
C PRO A 163 -3.65 -17.96 -9.46
N CYS A 164 -3.66 -16.65 -9.19
CA CYS A 164 -4.43 -15.70 -9.98
C CYS A 164 -3.95 -15.51 -11.42
N PHE A 165 -2.64 -15.53 -11.63
CA PHE A 165 -2.11 -15.54 -12.99
C PHE A 165 -2.69 -16.72 -13.78
N PHE A 166 -2.60 -17.93 -13.24
CA PHE A 166 -3.13 -19.14 -13.89
C PHE A 166 -4.65 -19.16 -14.05
N ILE A 167 -5.36 -18.55 -13.12
CA ILE A 167 -6.80 -18.40 -13.23
C ILE A 167 -7.13 -17.55 -14.46
N VAL A 168 -6.48 -16.39 -14.54
CA VAL A 168 -6.72 -15.44 -15.62
C VAL A 168 -6.27 -15.99 -16.97
N GLU A 169 -5.07 -16.58 -17.01
CA GLU A 169 -4.57 -17.26 -18.21
C GLU A 169 -5.60 -18.25 -18.72
N GLY A 170 -6.13 -19.08 -17.84
CA GLY A 170 -7.18 -20.03 -18.19
C GLY A 170 -8.45 -19.37 -18.69
N LEU A 171 -8.94 -18.38 -17.93
CA LEU A 171 -10.17 -17.67 -18.26
C LEU A 171 -10.05 -17.00 -19.62
N TYR A 172 -8.95 -16.27 -19.81
CA TYR A 172 -8.71 -15.49 -21.02
C TYR A 172 -8.73 -16.34 -22.29
N MET A 173 -7.96 -17.42 -22.30
CA MET A 173 -7.85 -18.26 -23.49
C MET A 173 -9.20 -18.86 -23.88
N ARG A 174 -9.92 -19.40 -22.90
CA ARG A 174 -11.20 -20.06 -23.16
C ARG A 174 -12.28 -19.07 -23.59
N VAL A 175 -12.33 -17.91 -22.93
CA VAL A 175 -13.33 -16.89 -23.26
C VAL A 175 -13.09 -16.30 -24.66
N ARG A 176 -11.83 -16.10 -25.02
CA ARG A 176 -11.49 -15.58 -26.34
C ARG A 176 -11.86 -16.56 -27.44
N GLU A 177 -11.69 -17.83 -27.15
CA GLU A 177 -12.00 -18.89 -28.09
C GLU A 177 -13.49 -19.01 -28.40
N ARG A 178 -14.35 -18.81 -27.41
CA ARG A 178 -15.78 -19.09 -27.56
C ARG A 178 -16.62 -17.84 -27.86
N LEU A 179 -16.17 -16.67 -27.40
CA LEU A 179 -16.97 -15.44 -27.52
C LEU A 179 -16.39 -14.36 -28.41
N ASN A 180 -15.13 -14.50 -28.83
CA ASN A 180 -14.50 -13.50 -29.73
C ASN A 180 -14.41 -12.08 -29.14
N ILE A 181 -14.68 -11.91 -27.86
CA ILE A 181 -14.66 -10.58 -27.22
C ILE A 181 -13.24 -10.06 -26.98
N THR A 182 -13.13 -8.76 -26.74
CA THR A 182 -11.87 -8.16 -26.33
C THR A 182 -11.75 -8.33 -24.84
N VAL A 183 -10.65 -8.93 -24.40
CA VAL A 183 -10.39 -9.11 -22.98
C VAL A 183 -9.10 -8.38 -22.58
N ASN A 184 -9.26 -7.19 -22.01
CA ASN A 184 -8.12 -6.44 -21.46
C ASN A 184 -7.72 -7.04 -20.14
N HIS A 185 -6.41 -7.06 -19.88
CA HIS A 185 -5.93 -7.51 -18.59
C HIS A 185 -4.82 -6.66 -18.04
N GLN A 186 -4.62 -6.75 -16.74
CA GLN A 186 -3.74 -5.83 -16.03
C GLN A 186 -3.34 -6.49 -14.70
N GLU A 187 -2.05 -6.74 -14.53
CA GLU A 187 -1.52 -7.25 -13.28
C GLU A 187 -1.20 -6.12 -12.32
N PHE A 188 -1.33 -6.39 -11.02
CA PHE A 188 -0.83 -5.48 -9.99
C PHE A 188 -0.25 -6.25 -8.81
N VAL A 189 0.45 -5.54 -7.92
CA VAL A 189 0.99 -6.09 -6.68
C VAL A 189 0.15 -5.53 -5.55
N GLU A 190 -0.34 -6.41 -4.67
CA GLU A 190 -1.32 -6.01 -3.66
C GLU A 190 -0.86 -4.98 -2.61
N GLY A 191 0.34 -5.13 -2.08
CA GLY A 191 0.80 -4.24 -1.02
C GLY A 191 1.30 -2.88 -1.50
N ASP A 192 1.20 -2.63 -2.80
CA ASP A 192 1.81 -1.44 -3.37
C ASP A 192 0.79 -0.36 -3.73
N PRO A 193 0.82 0.77 -2.98
CA PRO A 193 -0.16 1.84 -3.19
C PRO A 193 0.05 2.56 -4.52
N ASP A 194 1.24 2.43 -5.11
CA ASP A 194 1.56 2.98 -6.43
C ASP A 194 0.72 2.40 -7.57
N HIS A 195 0.18 1.20 -7.36
CA HIS A 195 -0.54 0.46 -8.40
C HIS A 195 -2.02 0.82 -8.50
N TYR A 196 -2.55 1.49 -7.48
CA TYR A 196 -3.96 1.83 -7.44
C TYR A 196 -4.39 2.87 -8.48
N PRO A 197 -3.60 3.95 -8.66
CA PRO A 197 -3.92 4.90 -9.73
C PRO A 197 -4.15 4.23 -11.09
N LYS A 198 -3.27 3.31 -11.47
CA LYS A 198 -3.39 2.64 -12.78
C LYS A 198 -4.55 1.66 -12.81
N LEU A 199 -4.86 1.02 -11.67
CA LEU A 199 -6.01 0.11 -11.61
C LEU A 199 -7.34 0.84 -11.80
N LEU A 200 -7.49 1.98 -11.11
CA LEU A 200 -8.70 2.79 -11.23
C LEU A 200 -8.79 3.49 -12.58
N ARG A 201 -7.66 3.90 -13.15
CA ARG A 201 -7.65 4.44 -14.50
C ARG A 201 -8.08 3.39 -15.55
N ALA A 202 -7.58 2.16 -15.39
CA ALA A 202 -7.92 1.03 -16.27
C ALA A 202 -9.39 0.62 -16.18
N VAL A 203 -9.95 0.59 -14.97
CA VAL A 203 -11.39 0.34 -14.77
C VAL A 203 -12.22 1.35 -15.56
N ARG A 204 -11.86 2.63 -15.43
CA ARG A 204 -12.54 3.72 -16.11
C ARG A 204 -12.48 3.62 -17.64
N ARG A 205 -11.35 3.20 -18.18
CA ARG A 205 -11.11 3.31 -19.60
C ARG A 205 -11.10 2.00 -20.37
N LYS A 206 -10.96 0.88 -19.67
CA LYS A 206 -10.72 -0.39 -20.36
C LYS A 206 -11.88 -1.38 -20.33
N GLY A 207 -12.86 -1.13 -19.47
CA GLY A 207 -14.02 -2.02 -19.37
C GLY A 207 -15.15 -1.54 -18.49
N ARG A 208 -16.27 -2.25 -18.54
CA ARG A 208 -17.42 -2.02 -17.67
C ARG A 208 -17.87 -3.31 -16.98
N VAL A 209 -17.63 -4.44 -17.64
CA VAL A 209 -17.72 -5.77 -17.02
C VAL A 209 -16.29 -6.12 -16.57
N ILE A 210 -16.09 -6.14 -15.25
CA ILE A 210 -14.76 -6.24 -14.64
C ILE A 210 -14.62 -7.50 -13.77
N TYR A 211 -13.54 -8.24 -13.97
CA TYR A 211 -13.19 -9.41 -13.17
C TYR A 211 -11.93 -9.11 -12.37
N ILE A 212 -11.95 -9.44 -11.08
CA ILE A 212 -10.82 -9.20 -10.19
C ILE A 212 -10.44 -10.49 -9.45
N CYS A 213 -9.19 -10.90 -9.62
CA CYS A 213 -8.63 -12.04 -8.89
C CYS A 213 -7.63 -11.49 -7.90
N SER A 214 -7.94 -11.60 -6.61
CA SER A 214 -7.12 -10.98 -5.57
C SER A 214 -7.64 -11.39 -4.22
N SER A 215 -6.86 -11.10 -3.18
CA SER A 215 -7.27 -11.34 -1.80
C SER A 215 -8.56 -10.56 -1.49
N PRO A 216 -9.36 -11.06 -0.53
CA PRO A 216 -10.61 -10.38 -0.15
C PRO A 216 -10.41 -8.90 0.19
N ASP A 217 -9.33 -8.58 0.92
CA ASP A 217 -9.02 -7.18 1.23
C ASP A 217 -8.70 -6.29 0.03
N ALA A 218 -8.02 -6.83 -0.98
CA ALA A 218 -7.68 -6.02 -2.15
C ALA A 218 -8.93 -5.73 -2.93
N PHE A 219 -9.85 -6.69 -2.98
CA PHE A 219 -11.14 -6.49 -3.62
C PHE A 219 -11.98 -5.39 -2.93
N ARG A 220 -12.03 -5.44 -1.61
CA ARG A 220 -12.78 -4.47 -0.81
C ARG A 220 -12.24 -3.07 -1.04
N ASN A 221 -10.92 -2.96 -0.96
CA ASN A 221 -10.27 -1.70 -1.20
C ASN A 221 -10.61 -1.12 -2.56
N LEU A 222 -10.52 -1.96 -3.61
CA LEU A 222 -10.80 -1.49 -4.96
C LEU A 222 -12.26 -1.04 -5.09
N MET A 223 -13.17 -1.76 -4.44
CA MET A 223 -14.59 -1.41 -4.46
C MET A 223 -14.82 -0.05 -3.80
N LEU A 224 -14.20 0.16 -2.64
CA LEU A 224 -14.30 1.43 -1.94
C LEU A 224 -13.82 2.58 -2.82
N LEU A 225 -12.69 2.37 -3.48
CA LEU A 225 -12.16 3.36 -4.40
C LEU A 225 -13.06 3.61 -5.60
N ALA A 226 -13.62 2.52 -6.15
CA ALA A 226 -14.57 2.62 -7.27
C ALA A 226 -15.78 3.48 -6.92
N LEU A 227 -16.32 3.25 -5.72
CA LEU A 227 -17.47 4.01 -5.20
C LEU A 227 -17.14 5.50 -5.06
N ASN A 228 -16.00 5.79 -4.43
CA ASN A 228 -15.59 7.16 -4.24
C ASN A 228 -15.37 7.91 -5.55
N ALA A 229 -14.99 7.16 -6.60
CA ALA A 229 -14.80 7.71 -7.93
C ALA A 229 -16.12 7.81 -8.74
N GLY A 230 -17.24 7.49 -8.10
CA GLY A 230 -18.54 7.49 -8.77
C GLY A 230 -18.67 6.41 -9.84
N LEU A 231 -18.07 5.25 -9.61
CA LEU A 231 -18.22 4.10 -10.49
C LEU A 231 -19.19 3.12 -9.85
N THR A 232 -20.45 3.12 -10.30
CA THR A 232 -21.52 2.39 -9.61
C THR A 232 -22.19 1.31 -10.46
N GLY A 233 -23.05 0.52 -9.81
CA GLY A 233 -23.74 -0.60 -10.43
C GLY A 233 -24.52 -0.32 -11.72
N GLU A 234 -24.76 0.95 -12.01
CA GLU A 234 -25.46 1.34 -13.24
C GLU A 234 -24.62 1.12 -14.48
N ASP A 235 -23.34 1.43 -14.38
CA ASP A 235 -22.42 1.33 -15.52
C ASP A 235 -21.45 0.18 -15.40
N TYR A 236 -21.20 -0.25 -14.17
CA TYR A 236 -20.15 -1.23 -13.89
C TYR A 236 -20.70 -2.44 -13.13
N VAL A 237 -20.07 -3.58 -13.36
CA VAL A 237 -20.25 -4.76 -12.51
C VAL A 237 -18.86 -5.32 -12.22
N PHE A 238 -18.62 -5.63 -10.95
CA PHE A 238 -17.34 -6.16 -10.51
C PHE A 238 -17.48 -7.59 -10.01
N PHE A 239 -16.89 -8.52 -10.76
CA PHE A 239 -16.86 -9.91 -10.35
C PHE A 239 -15.56 -10.22 -9.62
N HIS A 240 -15.71 -10.67 -8.38
CA HIS A 240 -14.60 -11.20 -7.63
C HIS A 240 -14.45 -12.67 -7.97
N LEU A 241 -13.36 -12.99 -8.66
CA LEU A 241 -12.92 -14.37 -8.88
C LEU A 241 -12.26 -14.88 -7.61
N ASP A 242 -13.02 -15.66 -6.86
CA ASP A 242 -12.58 -16.13 -5.56
C ASP A 242 -13.02 -17.58 -5.42
N VAL A 243 -12.36 -18.43 -6.21
CA VAL A 243 -12.81 -19.79 -6.45
C VAL A 243 -12.95 -20.63 -5.19
N PHE A 244 -12.06 -20.41 -4.22
CA PHE A 244 -12.15 -21.12 -2.95
C PHE A 244 -12.95 -20.38 -1.87
N GLY A 245 -13.60 -19.29 -2.25
CA GLY A 245 -14.47 -18.52 -1.35
C GLY A 245 -13.81 -17.98 -0.08
N GLN A 246 -12.69 -17.30 -0.24
CA GLN A 246 -11.94 -16.80 0.93
C GLN A 246 -12.60 -15.59 1.54
N SER A 247 -13.33 -14.84 0.70
CA SER A 247 -13.98 -13.64 1.16
C SER A 247 -15.23 -13.97 1.95
N LEU A 248 -15.57 -15.27 2.01
CA LEU A 248 -16.78 -15.76 2.66
C LEU A 248 -16.47 -16.77 3.78
N LYS A 249 -17.39 -16.85 4.73
CA LYS A 249 -17.29 -17.75 5.89
C LYS A 249 -17.97 -19.07 5.59
N SER A 250 -17.56 -20.15 6.25
CA SER A 250 -18.16 -21.47 6.00
C SER A 250 -18.91 -22.00 7.22
N ALA A 251 -19.71 -23.06 7.00
CA ALA A 251 -20.61 -23.63 8.02
C ALA A 251 -21.38 -22.53 8.78
N GLN A 252 -22.03 -21.64 8.05
CA GLN A 252 -22.66 -20.46 8.64
C GLN A 252 -24.12 -20.70 9.01
N GLY A 253 -24.76 -21.66 8.34
CA GLY A 253 -26.18 -21.90 8.52
C GLY A 253 -26.94 -20.66 8.15
N LEU A 254 -27.71 -20.12 9.11
CA LEU A 254 -28.54 -18.95 8.87
C LEU A 254 -27.86 -17.59 9.11
N VAL A 255 -26.61 -17.58 9.55
CA VAL A 255 -25.86 -16.34 9.73
C VAL A 255 -25.53 -15.74 8.36
N PRO A 256 -26.06 -14.53 8.07
CA PRO A 256 -25.90 -13.93 6.74
C PRO A 256 -24.45 -13.61 6.41
N GLN A 257 -24.07 -13.78 5.15
CA GLN A 257 -22.73 -13.47 4.69
C GLN A 257 -22.60 -11.97 4.38
N LYS A 258 -21.71 -11.30 5.09
CA LYS A 258 -21.41 -9.90 4.85
C LYS A 258 -19.91 -9.75 4.56
N PRO A 259 -19.46 -10.08 3.34
CA PRO A 259 -18.03 -10.02 3.01
C PRO A 259 -17.46 -8.60 3.02
N TRP A 260 -18.32 -7.60 2.93
CA TRP A 260 -17.91 -6.19 2.97
C TRP A 260 -17.59 -5.67 4.38
N GLU A 261 -17.77 -6.52 5.40
CA GLU A 261 -17.72 -6.06 6.79
C GLU A 261 -16.33 -6.22 7.43
N ARG A 262 -15.85 -5.16 8.05
CA ARG A 262 -14.56 -5.19 8.75
C ARG A 262 -14.63 -4.62 10.18
N GLY A 263 -15.56 -3.71 10.42
CA GLY A 263 -15.57 -2.94 11.66
C GLY A 263 -14.42 -1.94 11.67
N ASP A 264 -14.05 -1.46 10.48
CA ASP A 264 -12.95 -0.52 10.28
C ASP A 264 -13.43 0.92 10.07
N GLY A 265 -14.72 1.17 10.29
CA GLY A 265 -15.30 2.49 10.07
C GLY A 265 -15.70 2.77 8.63
N GLN A 266 -15.73 1.74 7.78
CA GLN A 266 -16.06 1.91 6.37
C GLN A 266 -17.17 0.96 5.91
N ASP A 267 -17.78 0.26 6.86
CA ASP A 267 -18.74 -0.77 6.54
C ASP A 267 -19.95 -0.27 5.73
N ARG A 268 -20.51 0.88 6.12
CA ARG A 268 -21.60 1.48 5.36
C ARG A 268 -21.18 1.78 3.91
N SER A 269 -20.01 2.40 3.74
CA SER A 269 -19.49 2.65 2.40
C SER A 269 -19.21 1.34 1.65
N ALA A 270 -18.67 0.34 2.36
CA ALA A 270 -18.38 -0.94 1.73
C ALA A 270 -19.65 -1.60 1.24
N ARG A 271 -20.69 -1.63 2.09
CA ARG A 271 -21.99 -2.18 1.70
C ARG A 271 -22.51 -1.52 0.42
N GLN A 272 -22.43 -0.19 0.39
CA GLN A 272 -22.85 0.59 -0.75
C GLN A 272 -21.99 0.26 -1.97
N ALA A 273 -20.69 0.07 -1.76
CA ALA A 273 -19.79 -0.30 -2.85
C ALA A 273 -20.12 -1.69 -3.41
N PHE A 274 -20.36 -2.65 -2.51
CA PHE A 274 -20.63 -4.04 -2.90
C PHE A 274 -21.99 -4.29 -3.59
N GLN A 275 -22.80 -3.25 -3.75
CA GLN A 275 -24.01 -3.37 -4.57
C GLN A 275 -23.65 -3.59 -6.02
N ALA A 276 -22.43 -3.19 -6.39
CA ALA A 276 -21.92 -3.36 -7.75
C ALA A 276 -21.06 -4.61 -7.88
N ALA A 277 -20.93 -5.38 -6.80
CA ALA A 277 -20.05 -6.53 -6.77
C ALA A 277 -20.79 -7.87 -6.69
N LYS A 278 -20.29 -8.86 -7.42
CA LYS A 278 -20.76 -10.24 -7.34
C LYS A 278 -19.54 -11.15 -7.15
N ILE A 279 -19.75 -12.31 -6.54
CA ILE A 279 -18.64 -13.19 -6.16
C ILE A 279 -18.76 -14.54 -6.88
N ILE A 280 -17.67 -14.95 -7.53
CA ILE A 280 -17.64 -16.22 -8.26
C ILE A 280 -16.82 -17.23 -7.45
N THR A 281 -17.43 -18.36 -7.12
CA THR A 281 -16.75 -19.40 -6.35
C THR A 281 -16.97 -20.75 -7.03
N TYR A 282 -16.24 -21.79 -6.60
CA TYR A 282 -16.63 -23.14 -6.95
C TYR A 282 -17.95 -23.45 -6.25
N LYS A 283 -18.72 -24.38 -6.81
CA LYS A 283 -19.96 -24.83 -6.19
C LYS A 283 -19.68 -25.77 -5.04
N GLU A 284 -20.26 -25.45 -3.88
CA GLU A 284 -20.26 -26.34 -2.73
C GLU A 284 -21.15 -27.55 -3.04
N PRO A 285 -20.57 -28.77 -3.05
CA PRO A 285 -21.43 -29.96 -3.24
C PRO A 285 -22.48 -30.06 -2.13
N ASP A 286 -23.71 -30.39 -2.52
CA ASP A 286 -24.86 -30.34 -1.59
C ASP A 286 -25.43 -31.73 -1.25
N ASN A 287 -24.96 -32.77 -1.96
CA ASN A 287 -25.35 -34.16 -1.68
C ASN A 287 -24.95 -34.65 -0.27
N PRO A 288 -25.76 -35.54 0.33
CA PRO A 288 -25.48 -36.05 1.70
C PRO A 288 -24.20 -36.87 1.91
N GLU A 289 -23.68 -37.51 0.86
CA GLU A 289 -22.45 -38.29 1.00
C GLU A 289 -21.26 -37.37 1.35
N TYR A 290 -21.29 -36.15 0.82
CA TYR A 290 -20.23 -35.17 1.05
C TYR A 290 -20.12 -34.78 2.53
N LEU A 291 -21.25 -34.43 3.15
CA LEU A 291 -21.26 -34.06 4.57
C LEU A 291 -20.75 -35.22 5.40
N GLU A 292 -21.06 -36.44 4.98
CA GLU A 292 -20.58 -37.61 5.70
C GLU A 292 -19.07 -37.73 5.50
N PHE A 293 -18.61 -37.52 4.27
CA PHE A 293 -17.18 -37.49 3.95
C PHE A 293 -16.43 -36.49 4.83
N LEU A 294 -16.96 -35.27 4.96
CA LEU A 294 -16.32 -34.24 5.78
C LEU A 294 -16.22 -34.64 7.25
N LYS A 295 -17.28 -35.26 7.78
CA LYS A 295 -17.27 -35.81 9.14
C LYS A 295 -16.14 -36.81 9.29
N GLN A 296 -16.07 -37.75 8.35
CA GLN A 296 -15.08 -38.81 8.42
C GLN A 296 -13.66 -38.32 8.16
N LEU A 297 -13.52 -37.38 7.21
CA LEU A 297 -12.22 -36.77 6.94
C LEU A 297 -11.65 -36.07 8.17
N LYS A 298 -12.47 -35.25 8.83
CA LYS A 298 -12.05 -34.48 10.03
C LYS A 298 -11.53 -35.37 11.16
N LEU A 299 -12.25 -36.44 11.43
CA LEU A 299 -11.87 -37.39 12.48
C LEU A 299 -10.55 -38.11 12.17
N LEU A 300 -10.42 -38.60 10.95
CA LEU A 300 -9.21 -39.28 10.52
C LEU A 300 -7.98 -38.36 10.49
N ALA A 301 -8.14 -37.12 10.01
CA ALA A 301 -7.02 -36.19 9.90
C ALA A 301 -6.48 -35.84 11.28
N ASP A 302 -7.39 -35.67 12.24
CA ASP A 302 -7.01 -35.34 13.61
C ASP A 302 -6.34 -36.52 14.29
N LYS A 303 -6.86 -37.71 14.04
CA LYS A 303 -6.31 -38.92 14.65
C LYS A 303 -4.91 -39.30 14.11
N LYS A 304 -4.79 -39.50 12.80
CA LYS A 304 -3.58 -40.11 12.20
C LYS A 304 -2.61 -39.14 11.55
N PHE A 305 -3.05 -37.92 11.29
CA PHE A 305 -2.27 -36.94 10.53
C PHE A 305 -1.99 -35.66 11.31
N ASN A 306 -2.39 -35.67 12.58
CA ASN A 306 -2.14 -34.57 13.52
C ASN A 306 -2.57 -33.24 12.91
N PHE A 307 -3.82 -33.13 12.46
CA PHE A 307 -4.27 -31.92 11.72
C PHE A 307 -5.77 -31.61 11.81
N THR A 308 -6.08 -30.33 12.01
CA THR A 308 -7.45 -29.86 12.09
C THR A 308 -7.96 -29.33 10.74
N VAL A 309 -8.88 -30.08 10.15
CA VAL A 309 -9.48 -29.71 8.87
C VAL A 309 -10.64 -28.73 9.08
N GLU A 310 -10.46 -27.52 8.55
CA GLU A 310 -11.47 -26.47 8.66
C GLU A 310 -12.51 -26.68 7.57
N ASP A 311 -13.72 -26.18 7.82
CA ASP A 311 -14.73 -26.15 6.79
C ASP A 311 -14.35 -25.12 5.76
N GLY A 312 -14.68 -25.38 4.50
CA GLY A 312 -14.36 -24.48 3.42
C GLY A 312 -14.48 -25.16 2.07
N LEU A 313 -14.48 -24.34 1.02
CA LEU A 313 -14.49 -24.84 -0.35
C LEU A 313 -13.20 -25.61 -0.71
N LYS A 314 -12.10 -25.33 -0.02
CA LYS A 314 -10.84 -26.05 -0.25
C LYS A 314 -10.96 -27.58 -0.10
N ASN A 315 -11.89 -28.02 0.74
CA ASN A 315 -12.12 -29.45 0.95
C ASN A 315 -12.62 -30.23 -0.27
N ILE A 316 -13.04 -29.54 -1.33
CA ILE A 316 -13.42 -30.27 -2.53
C ILE A 316 -12.23 -31.01 -3.16
N ILE A 317 -11.03 -30.46 -2.95
CA ILE A 317 -9.79 -31.01 -3.49
C ILE A 317 -9.51 -32.43 -2.96
N PRO A 318 -9.36 -32.60 -1.63
CA PRO A 318 -9.20 -33.97 -1.10
C PRO A 318 -10.35 -34.90 -1.46
N ALA A 319 -11.58 -34.38 -1.54
CA ALA A 319 -12.73 -35.22 -1.92
C ALA A 319 -12.62 -35.67 -3.38
N SER A 320 -12.10 -34.79 -4.23
CA SER A 320 -11.87 -35.13 -5.62
C SER A 320 -10.70 -36.09 -5.77
N PHE A 321 -9.73 -36.03 -4.86
CA PHE A 321 -8.67 -37.02 -4.88
C PHE A 321 -9.29 -38.37 -4.53
N HIS A 322 -10.14 -38.36 -3.51
CA HIS A 322 -10.90 -39.51 -3.07
C HIS A 322 -11.69 -40.10 -4.24
N ASP A 323 -12.49 -39.26 -4.89
CA ASP A 323 -13.32 -39.71 -6.00
C ASP A 323 -12.47 -40.17 -7.20
N GLY A 324 -11.45 -39.39 -7.56
CA GLY A 324 -10.48 -39.75 -8.60
C GLY A 324 -9.87 -41.13 -8.42
N LEU A 325 -9.37 -41.40 -7.22
CA LEU A 325 -8.85 -42.73 -6.88
C LEU A 325 -9.87 -43.83 -7.14
N LEU A 326 -11.13 -43.61 -6.75
CA LEU A 326 -12.18 -44.61 -6.96
C LEU A 326 -12.53 -44.78 -8.44
N LEU A 327 -12.61 -43.68 -9.17
CA LEU A 327 -12.82 -43.73 -10.62
C LEU A 327 -11.70 -44.53 -11.29
N TYR A 328 -10.46 -44.30 -10.86
CA TYR A 328 -9.32 -45.06 -11.35
C TYR A 328 -9.42 -46.57 -11.01
N VAL A 329 -9.70 -46.86 -9.74
CA VAL A 329 -9.97 -48.23 -9.29
C VAL A 329 -11.07 -48.95 -10.10
N GLN A 330 -12.13 -48.25 -10.47
CA GLN A 330 -13.20 -48.83 -11.28
C GLN A 330 -12.68 -49.15 -12.68
N ALA A 331 -12.01 -48.18 -13.30
CA ALA A 331 -11.39 -48.33 -14.61
C ALA A 331 -10.42 -49.52 -14.70
N VAL A 332 -9.51 -49.65 -13.73
CA VAL A 332 -8.60 -50.80 -13.69
C VAL A 332 -9.39 -52.12 -13.64
N THR A 333 -10.41 -52.18 -12.80
CA THR A 333 -11.29 -53.34 -12.66
C THR A 333 -11.91 -53.73 -13.99
N GLU A 334 -12.51 -52.77 -14.68
CA GLU A 334 -13.05 -52.98 -16.02
C GLU A 334 -12.00 -53.48 -17.02
N THR A 335 -10.76 -53.02 -16.84
CA THR A 335 -9.67 -53.42 -17.70
C THR A 335 -9.24 -54.85 -17.40
N LEU A 336 -9.22 -55.21 -16.11
CA LEU A 336 -8.90 -56.57 -15.71
C LEU A 336 -9.96 -57.55 -16.24
N ALA A 337 -11.23 -57.15 -16.17
CA ALA A 337 -12.34 -58.00 -16.60
C ALA A 337 -12.22 -58.40 -18.07
N GLN A 338 -11.73 -57.49 -18.91
CA GLN A 338 -11.66 -57.77 -20.34
C GLN A 338 -10.27 -58.19 -20.85
N GLY A 339 -9.45 -58.77 -19.98
CA GLY A 339 -8.19 -59.39 -20.40
C GLY A 339 -6.95 -58.53 -20.26
N GLY A 340 -7.12 -57.28 -19.83
CA GLY A 340 -5.99 -56.37 -19.62
C GLY A 340 -5.28 -56.55 -18.29
N THR A 341 -4.30 -55.70 -18.02
CA THR A 341 -3.60 -55.69 -16.73
C THR A 341 -3.42 -54.26 -16.24
N VAL A 342 -2.94 -54.10 -15.01
CA VAL A 342 -2.93 -52.82 -14.31
C VAL A 342 -1.99 -51.79 -14.91
N THR A 343 -0.99 -52.25 -15.66
CA THR A 343 0.00 -51.34 -16.25
C THR A 343 -0.39 -50.88 -17.66
N ASP A 344 -1.62 -51.22 -18.09
CA ASP A 344 -2.12 -50.78 -19.38
C ASP A 344 -2.68 -49.36 -19.30
N GLY A 345 -1.78 -48.39 -19.14
CA GLY A 345 -2.15 -46.99 -18.92
C GLY A 345 -3.14 -46.41 -19.91
N GLU A 346 -2.88 -46.61 -21.20
CA GLU A 346 -3.74 -46.06 -22.25
C GLU A 346 -5.17 -46.58 -22.13
N ASN A 347 -5.30 -47.89 -21.95
CA ASN A 347 -6.61 -48.53 -21.84
C ASN A 347 -7.36 -48.12 -20.54
N ILE A 348 -6.63 -47.99 -19.44
CA ILE A 348 -7.19 -47.51 -18.17
C ILE A 348 -7.68 -46.06 -18.30
N THR A 349 -6.85 -45.21 -18.89
CA THR A 349 -7.17 -43.79 -19.05
C THR A 349 -8.39 -43.54 -19.96
N GLN A 350 -8.51 -44.32 -21.03
CA GLN A 350 -9.65 -44.24 -21.94
C GLN A 350 -10.97 -44.52 -21.20
N ARG A 351 -10.92 -45.40 -20.20
CA ARG A 351 -12.10 -45.76 -19.45
C ARG A 351 -12.48 -44.72 -18.40
N MET A 352 -11.58 -43.80 -18.09
CA MET A 352 -11.88 -42.69 -17.18
C MET A 352 -12.36 -41.45 -17.93
N TRP A 353 -11.78 -41.22 -19.11
CA TRP A 353 -12.12 -40.07 -19.95
C TRP A 353 -13.48 -40.22 -20.60
N ASN A 354 -14.18 -39.09 -20.77
CA ASN A 354 -15.53 -39.05 -21.29
C ASN A 354 -16.47 -39.97 -20.51
N ARG A 355 -16.48 -39.83 -19.19
CA ARG A 355 -17.23 -40.76 -18.34
C ARG A 355 -17.82 -40.14 -17.08
N SER A 356 -18.98 -40.68 -16.70
CA SER A 356 -19.69 -40.27 -15.49
C SER A 356 -19.38 -41.21 -14.34
N PHE A 357 -19.43 -40.66 -13.13
CA PHE A 357 -19.14 -41.43 -11.93
C PHE A 357 -19.85 -40.79 -10.73
N GLN A 358 -20.14 -41.62 -9.72
CA GLN A 358 -20.78 -41.14 -8.49
C GLN A 358 -19.81 -41.26 -7.34
N GLY A 359 -19.56 -40.13 -6.67
CA GLY A 359 -18.60 -40.09 -5.57
C GLY A 359 -19.09 -39.13 -4.51
N VAL A 360 -18.27 -38.92 -3.47
CA VAL A 360 -18.64 -38.03 -2.37
C VAL A 360 -18.91 -36.59 -2.83
N THR A 361 -18.30 -36.19 -3.95
CA THR A 361 -18.51 -34.85 -4.52
C THR A 361 -19.72 -34.77 -5.43
N GLY A 362 -20.50 -35.86 -5.44
CA GLY A 362 -21.71 -35.96 -6.24
C GLY A 362 -21.45 -36.51 -7.63
N TYR A 363 -22.29 -36.10 -8.57
CA TYR A 363 -22.11 -36.48 -9.96
C TYR A 363 -20.83 -35.82 -10.50
N LEU A 364 -19.99 -36.62 -11.13
CA LEU A 364 -18.80 -36.05 -11.76
C LEU A 364 -18.61 -36.60 -13.17
N LYS A 365 -18.38 -35.67 -14.09
CA LYS A 365 -18.10 -36.01 -15.46
C LYS A 365 -16.66 -35.61 -15.79
N ILE A 366 -15.91 -36.58 -16.31
CA ILE A 366 -14.61 -36.30 -16.91
C ILE A 366 -14.86 -36.12 -18.41
N ASP A 367 -14.43 -34.98 -18.96
CA ASP A 367 -14.65 -34.67 -20.37
C ASP A 367 -13.76 -35.51 -21.31
N ARG A 368 -13.87 -35.28 -22.61
CA ARG A 368 -13.10 -36.02 -23.61
C ARG A 368 -11.61 -35.71 -23.57
N ASN A 369 -11.25 -34.64 -22.88
CA ASN A 369 -9.85 -34.24 -22.75
C ASN A 369 -9.26 -34.70 -21.42
N GLY A 370 -10.03 -35.46 -20.65
CA GLY A 370 -9.56 -35.98 -19.35
C GLY A 370 -9.65 -35.02 -18.17
N ASP A 371 -10.51 -34.01 -18.29
CA ASP A 371 -10.64 -32.97 -17.26
C ASP A 371 -12.07 -32.90 -16.75
N ARG A 372 -12.21 -32.89 -15.43
CA ARG A 372 -13.51 -32.88 -14.80
C ARG A 372 -14.30 -31.61 -15.11
N ASP A 373 -15.58 -31.79 -15.44
CA ASP A 373 -16.50 -30.68 -15.56
C ASP A 373 -16.70 -30.05 -14.18
N THR A 374 -16.54 -28.73 -14.10
CA THR A 374 -16.54 -28.01 -12.84
C THR A 374 -17.78 -27.14 -12.71
N ASP A 375 -18.45 -27.25 -11.57
CA ASP A 375 -19.60 -26.43 -11.25
C ASP A 375 -19.21 -25.15 -10.49
N PHE A 376 -19.94 -24.06 -10.75
CA PHE A 376 -19.66 -22.77 -10.13
C PHE A 376 -20.90 -22.16 -9.52
N SER A 377 -20.73 -21.33 -8.49
CA SER A 377 -21.83 -20.53 -7.94
C SER A 377 -21.53 -19.05 -8.08
N LEU A 378 -22.57 -18.28 -8.41
CA LEU A 378 -22.51 -16.83 -8.38
C LEU A 378 -23.26 -16.27 -7.17
N TRP A 379 -22.55 -15.55 -6.32
CA TRP A 379 -23.13 -14.89 -5.16
C TRP A 379 -23.35 -13.42 -5.49
N ASP A 380 -24.52 -12.87 -5.11
CA ASP A 380 -24.70 -11.42 -5.02
C ASP A 380 -25.55 -10.94 -3.83
N MET A 381 -25.73 -9.62 -3.73
CA MET A 381 -26.26 -8.96 -2.53
C MET A 381 -27.78 -8.81 -2.52
N ASP A 382 -28.40 -9.17 -1.41
CA ASP A 382 -29.79 -8.81 -1.14
C ASP A 382 -29.74 -7.32 -0.81
N PRO A 383 -30.38 -6.48 -1.64
CA PRO A 383 -30.31 -5.01 -1.48
C PRO A 383 -30.93 -4.55 -0.15
N GLU A 384 -31.91 -5.33 0.33
CA GLU A 384 -32.60 -5.07 1.57
C GLU A 384 -31.72 -5.28 2.81
N THR A 385 -30.92 -6.35 2.81
CA THR A 385 -30.13 -6.73 4.02
C THR A 385 -28.63 -6.46 3.89
N GLY A 386 -28.15 -6.37 2.65
CA GLY A 386 -26.71 -6.26 2.39
C GLY A 386 -26.02 -7.63 2.35
N ALA A 387 -26.76 -8.68 2.67
CA ALA A 387 -26.22 -10.03 2.73
C ALA A 387 -25.97 -10.65 1.34
N PHE A 388 -24.91 -11.46 1.24
CA PHE A 388 -24.62 -12.17 0.01
C PHE A 388 -25.11 -13.61 0.03
N ARG A 389 -25.64 -14.08 -1.09
CA ARG A 389 -26.04 -15.47 -1.19
C ARG A 389 -25.94 -15.97 -2.62
N VAL A 390 -25.94 -17.29 -2.77
CA VAL A 390 -25.90 -17.92 -4.09
C VAL A 390 -27.23 -17.66 -4.80
N VAL A 391 -27.16 -17.02 -5.97
CA VAL A 391 -28.34 -16.73 -6.80
C VAL A 391 -28.34 -17.48 -8.13
N LEU A 392 -27.17 -17.99 -8.54
CA LEU A 392 -27.01 -18.77 -9.77
C LEU A 392 -26.01 -19.93 -9.60
N ASN A 393 -26.38 -21.09 -10.14
CA ASN A 393 -25.48 -22.22 -10.25
C ASN A 393 -25.22 -22.58 -11.69
N TYR A 394 -24.01 -23.07 -11.96
CA TYR A 394 -23.60 -23.44 -13.30
C TYR A 394 -23.20 -24.89 -13.27
N ASN A 395 -23.80 -25.66 -14.17
CA ASN A 395 -23.50 -27.07 -14.28
C ASN A 395 -22.50 -27.20 -15.42
N GLY A 396 -21.27 -27.61 -15.09
CA GLY A 396 -20.16 -27.67 -16.05
C GLY A 396 -20.37 -28.59 -17.23
N THR A 397 -21.23 -29.59 -17.05
CA THR A 397 -21.53 -30.60 -18.07
C THR A 397 -22.59 -30.13 -19.06
N SER A 398 -23.75 -29.72 -18.54
CA SER A 398 -24.84 -29.26 -19.40
C SER A 398 -24.62 -27.82 -19.84
N GLN A 399 -23.68 -27.14 -19.19
CA GLN A 399 -23.38 -25.71 -19.43
C GLN A 399 -24.59 -24.81 -19.15
N GLU A 400 -25.44 -25.25 -18.23
CA GLU A 400 -26.68 -24.57 -17.88
C GLU A 400 -26.56 -23.72 -16.63
N LEU A 401 -27.05 -22.49 -16.73
CA LEU A 401 -27.18 -21.60 -15.59
C LEU A 401 -28.59 -21.71 -15.03
N MET A 402 -28.71 -22.06 -13.74
CA MET A 402 -30.02 -22.17 -13.09
C MET A 402 -30.14 -21.22 -11.92
N ALA A 403 -31.31 -20.61 -11.78
CA ALA A 403 -31.62 -19.77 -10.63
C ALA A 403 -31.62 -20.62 -9.36
N VAL A 404 -31.19 -20.03 -8.26
CA VAL A 404 -31.12 -20.73 -6.97
C VAL A 404 -32.12 -20.13 -6.00
N SER A 405 -32.88 -20.99 -5.33
CA SER A 405 -33.92 -20.58 -4.36
C SER A 405 -34.88 -19.53 -4.92
N GLU A 406 -35.17 -19.61 -6.22
CA GLU A 406 -36.01 -18.63 -6.92
C GLU A 406 -35.55 -17.17 -6.80
N HIS A 407 -34.25 -16.96 -6.57
CA HIS A 407 -33.67 -15.61 -6.49
C HIS A 407 -33.48 -15.00 -7.87
N LYS A 408 -33.40 -13.68 -7.89
CA LYS A 408 -33.22 -12.90 -9.10
C LYS A 408 -31.85 -12.22 -9.03
N LEU A 409 -31.12 -12.16 -10.14
CA LEU A 409 -29.87 -11.38 -10.17
C LEU A 409 -30.12 -9.91 -9.85
N TYR A 410 -29.36 -9.37 -8.90
CA TYR A 410 -29.53 -7.97 -8.52
C TYR A 410 -28.87 -6.99 -9.49
N TRP A 411 -29.67 -6.10 -10.04
CA TRP A 411 -29.18 -4.92 -10.78
C TRP A 411 -29.90 -3.66 -10.27
N PRO A 412 -29.14 -2.58 -10.00
CA PRO A 412 -29.76 -1.34 -9.49
C PRO A 412 -30.84 -0.77 -10.43
N LEU A 413 -30.65 -0.92 -11.73
CA LEU A 413 -31.61 -0.42 -12.70
C LEU A 413 -32.56 -1.52 -13.19
N GLY A 414 -32.45 -2.71 -12.62
CA GLY A 414 -33.29 -3.84 -12.99
C GLY A 414 -32.84 -4.64 -14.20
N TYR A 415 -31.82 -4.13 -14.90
CA TYR A 415 -31.17 -4.84 -16.00
C TYR A 415 -29.65 -4.64 -15.89
N PRO A 416 -28.85 -5.58 -16.42
CA PRO A 416 -27.40 -5.46 -16.34
C PRO A 416 -26.87 -4.26 -17.14
N PRO A 417 -25.70 -3.74 -16.77
CA PRO A 417 -25.14 -2.62 -17.53
C PRO A 417 -24.64 -3.15 -18.87
N PRO A 418 -24.63 -2.30 -19.91
CA PRO A 418 -24.05 -2.77 -21.17
C PRO A 418 -22.53 -2.87 -21.01
N ASP A 419 -21.90 -3.82 -21.72
CA ASP A 419 -20.44 -4.00 -21.62
C ASP A 419 -19.63 -2.88 -22.32
N VAL A 420 -20.29 -2.17 -23.23
CA VAL A 420 -19.76 -0.95 -23.81
C VAL A 420 -20.68 0.21 -23.43
N PRO A 421 -20.12 1.29 -22.83
CA PRO A 421 -20.90 2.49 -22.49
C PRO A 421 -21.43 3.19 -23.73
N LYS A 422 -22.60 3.82 -23.59
CA LYS A 422 -23.29 4.45 -24.71
C LYS A 422 -22.48 5.50 -25.47
N CYS A 423 -21.43 6.02 -24.84
CA CYS A 423 -20.66 7.14 -25.40
C CYS A 423 -19.22 6.77 -25.72
N GLY A 424 -18.88 5.49 -25.58
CA GLY A 424 -17.50 5.02 -25.74
C GLY A 424 -16.71 5.14 -24.45
N PHE A 425 -15.52 4.55 -24.45
CA PHE A 425 -14.65 4.54 -23.27
C PHE A 425 -13.84 5.83 -23.13
N SER B 1 39.61 35.48 27.93
CA SER B 1 39.06 34.26 28.56
C SER B 1 38.24 33.45 27.55
N ASP B 2 37.65 32.35 28.03
CA ASP B 2 36.94 31.43 27.17
C ASP B 2 35.45 31.57 27.31
N LEU B 3 34.79 31.84 26.18
CA LEU B 3 33.35 31.75 26.07
C LEU B 3 33.01 30.36 25.52
N THR B 4 32.62 29.47 26.42
CA THR B 4 32.33 28.07 26.07
C THR B 4 30.90 27.87 25.53
N VAL B 5 30.83 27.27 24.34
CA VAL B 5 29.59 26.95 23.67
C VAL B 5 29.38 25.44 23.74
N ALA B 6 28.28 25.01 24.36
CA ALA B 6 27.94 23.61 24.45
C ALA B 6 26.99 23.21 23.32
N VAL B 7 27.40 22.19 22.56
CA VAL B 7 26.61 21.70 21.46
C VAL B 7 25.94 20.38 21.81
N VAL B 8 24.63 20.31 21.62
CA VAL B 8 23.89 19.06 21.77
C VAL B 8 23.15 18.82 20.46
N LEU B 9 23.73 17.98 19.60
CA LEU B 9 23.25 17.74 18.24
C LEU B 9 23.69 16.33 17.80
N PRO B 10 23.14 15.81 16.68
CA PRO B 10 23.57 14.47 16.24
C PRO B 10 25.00 14.49 15.71
N LEU B 11 25.92 13.94 16.48
CA LEU B 11 27.35 13.97 16.15
C LEU B 11 27.80 12.90 15.14
N THR B 12 27.07 11.80 15.03
CA THR B 12 27.54 10.70 14.20
C THR B 12 26.54 10.38 13.11
N ASN B 13 25.26 10.60 13.38
CA ASN B 13 24.20 10.49 12.38
C ASN B 13 24.12 11.71 11.44
N THR B 14 24.16 11.47 10.14
CA THR B 14 24.24 12.57 9.17
C THR B 14 22.94 12.84 8.41
N SER B 15 21.87 12.13 8.75
CA SER B 15 20.61 12.23 7.99
C SER B 15 19.80 13.49 8.30
N TYR B 16 20.13 14.16 9.42
CA TYR B 16 19.33 15.30 9.89
C TYR B 16 19.82 16.59 9.26
N PRO B 17 18.90 17.55 9.04
CA PRO B 17 19.33 18.86 8.52
C PRO B 17 20.18 19.65 9.54
N TRP B 18 20.06 19.30 10.82
CA TRP B 18 20.83 19.91 11.89
C TRP B 18 21.92 18.97 12.41
N SER B 19 22.19 17.89 11.66
CA SER B 19 23.33 17.00 11.98
C SER B 19 24.66 17.79 12.05
N TRP B 20 25.57 17.34 12.91
CA TRP B 20 26.88 17.99 13.07
C TRP B 20 27.73 18.00 11.79
N ALA B 21 27.61 16.97 10.96
CA ALA B 21 28.29 16.95 9.66
C ALA B 21 27.93 18.16 8.78
N ARG B 22 26.76 18.77 9.02
CA ARG B 22 26.34 19.98 8.32
C ARG B 22 26.57 21.25 9.17
N VAL B 23 26.18 21.19 10.43
CA VAL B 23 26.19 22.36 11.30
C VAL B 23 27.60 22.67 11.80
N GLY B 24 28.40 21.63 11.96
CA GLY B 24 29.79 21.74 12.39
C GLY B 24 30.61 22.66 11.49
N PRO B 25 30.72 22.33 10.19
CA PRO B 25 31.38 23.25 9.26
C PRO B 25 30.78 24.66 9.25
N ALA B 26 29.46 24.77 9.37
CA ALA B 26 28.80 26.07 9.38
C ALA B 26 29.25 26.90 10.56
N VAL B 27 29.34 26.26 11.72
CA VAL B 27 29.77 26.92 12.94
C VAL B 27 31.24 27.33 12.86
N GLU B 28 32.08 26.46 12.29
CA GLU B 28 33.51 26.77 12.10
C GLU B 28 33.71 28.05 11.26
N LEU B 29 32.88 28.21 10.21
CA LEU B 29 32.92 29.40 9.35
C LEU B 29 32.53 30.65 10.14
N ALA B 30 31.52 30.49 10.98
CA ALA B 30 31.08 31.57 11.85
C ALA B 30 32.23 32.01 12.77
N LEU B 31 32.93 31.03 13.36
CA LEU B 31 34.03 31.29 14.27
C LEU B 31 35.26 31.89 13.57
N ALA B 32 35.57 31.41 12.37
CA ALA B 32 36.60 32.04 11.55
C ALA B 32 36.30 33.56 11.40
N ARG B 33 35.08 33.88 10.98
CA ARG B 33 34.67 35.27 10.83
C ARG B 33 34.83 36.11 12.11
N VAL B 34 34.47 35.54 13.27
CA VAL B 34 34.57 36.24 14.56
C VAL B 34 36.03 36.56 14.89
N LYS B 35 36.87 35.53 14.83
CA LYS B 35 38.30 35.65 15.07
C LYS B 35 38.95 36.78 14.27
N ALA B 36 38.44 37.02 13.06
CA ALA B 36 38.98 38.05 12.18
C ALA B 36 38.33 39.42 12.38
N ARG B 37 37.45 39.51 13.38
CA ARG B 37 36.81 40.77 13.75
C ARG B 37 37.07 41.06 15.23
N PRO B 38 38.22 41.70 15.54
CA PRO B 38 38.64 42.02 16.93
C PRO B 38 37.65 42.91 17.69
N ASP B 39 36.76 43.57 16.95
CA ASP B 39 35.69 44.39 17.54
C ASP B 39 34.60 43.53 18.19
N LEU B 40 34.54 42.25 17.80
CA LEU B 40 33.59 41.31 18.38
C LEU B 40 34.24 40.52 19.51
N LEU B 41 33.54 40.44 20.64
CA LEU B 41 34.00 39.71 21.82
C LEU B 41 35.45 40.03 22.22
N PRO B 42 35.71 41.30 22.60
CA PRO B 42 37.06 41.73 22.97
C PRO B 42 37.51 41.03 24.24
N GLY B 43 38.68 40.40 24.19
CA GLY B 43 39.22 39.67 25.33
C GLY B 43 38.56 38.32 25.59
N TRP B 44 37.83 37.80 24.61
CA TRP B 44 37.19 36.51 24.73
C TRP B 44 37.41 35.65 23.50
N THR B 45 37.61 34.35 23.72
CA THR B 45 37.71 33.42 22.61
C THR B 45 36.59 32.38 22.73
N VAL B 46 35.88 32.13 21.63
CA VAL B 46 34.84 31.09 21.63
C VAL B 46 35.45 29.70 21.60
N ARG B 47 34.99 28.86 22.54
CA ARG B 47 35.37 27.45 22.58
C ARG B 47 34.14 26.57 22.47
N MET B 48 34.33 25.37 21.92
CA MET B 48 33.21 24.48 21.64
C MET B 48 33.37 23.13 22.34
N VAL B 49 32.36 22.75 23.12
CA VAL B 49 32.30 21.38 23.67
C VAL B 49 31.11 20.63 23.08
N LEU B 50 31.35 19.37 22.70
CA LEU B 50 30.40 18.62 21.90
C LEU B 50 29.72 17.49 22.65
N GLY B 51 28.39 17.51 22.62
CA GLY B 51 27.59 16.41 23.17
C GLY B 51 26.65 15.90 22.11
N SER B 52 26.21 14.66 22.24
CA SER B 52 25.40 14.01 21.23
C SER B 52 23.98 13.76 21.72
N SER B 53 23.01 14.08 20.87
CA SER B 53 21.60 13.85 21.19
C SER B 53 21.16 12.41 20.88
N GLU B 54 22.07 11.61 20.32
CA GLU B 54 21.71 10.29 19.79
C GLU B 54 21.67 9.20 20.85
N ASN B 55 20.66 8.36 20.79
CA ASN B 55 20.66 7.14 21.61
C ASN B 55 21.60 6.09 21.01
N ALA B 56 21.65 4.91 21.64
CA ALA B 56 22.51 3.81 21.17
C ALA B 56 22.15 3.37 19.74
N ALA B 57 20.86 3.36 19.41
CA ALA B 57 20.39 3.08 18.04
C ALA B 57 20.76 4.15 17.00
N GLY B 58 21.22 5.32 17.47
CA GLY B 58 21.75 6.38 16.62
C GLY B 58 20.75 7.41 16.11
N VAL B 59 19.58 7.48 16.72
CA VAL B 59 18.59 8.49 16.37
C VAL B 59 18.51 9.53 17.49
N CYS B 60 18.16 10.77 17.15
CA CYS B 60 18.04 11.82 18.15
C CYS B 60 16.97 11.36 19.15
N SER B 61 17.25 11.58 20.44
CA SER B 61 16.50 10.94 21.52
C SER B 61 16.06 11.93 22.61
N ASP B 62 14.92 11.64 23.23
CA ASP B 62 14.42 12.53 24.26
C ASP B 62 15.10 12.34 25.62
N THR B 63 15.95 11.31 25.70
CA THR B 63 16.71 10.99 26.92
C THR B 63 18.21 11.28 26.75
N ALA B 64 18.82 10.77 25.69
CA ALA B 64 20.24 10.94 25.45
C ALA B 64 20.66 12.41 25.44
N ALA B 65 19.76 13.29 24.98
CA ALA B 65 20.05 14.73 24.86
C ALA B 65 20.14 15.49 26.20
N PRO B 66 19.08 15.43 27.06
CA PRO B 66 19.22 16.07 28.38
C PRO B 66 20.35 15.49 29.23
N LEU B 67 20.56 14.16 29.15
CA LEU B 67 21.69 13.53 29.83
C LEU B 67 23.00 14.20 29.42
N ALA B 68 23.20 14.33 28.11
CA ALA B 68 24.38 14.97 27.54
C ALA B 68 24.47 16.45 27.94
N ALA B 69 23.36 17.18 27.86
CA ALA B 69 23.31 18.58 28.30
C ALA B 69 23.78 18.71 29.75
N VAL B 70 23.24 17.87 30.63
CA VAL B 70 23.65 17.87 32.04
C VAL B 70 25.15 17.56 32.20
N ASP B 71 25.63 16.55 31.48
CA ASP B 71 27.05 16.20 31.51
C ASP B 71 27.93 17.38 31.09
N LEU B 72 27.55 18.05 30.00
CA LEU B 72 28.26 19.22 29.53
C LEU B 72 28.23 20.38 30.54
N LYS B 73 27.06 20.58 31.15
CA LYS B 73 26.89 21.66 32.12
C LYS B 73 27.79 21.47 33.35
N TRP B 74 27.82 20.23 33.88
CA TRP B 74 28.70 19.88 35.01
C TRP B 74 30.14 20.15 34.66
N GLU B 75 30.58 19.61 33.52
CA GLU B 75 32.00 19.61 33.21
C GLU B 75 32.55 20.96 32.74
N HIS B 76 31.76 21.74 32.01
CA HIS B 76 32.34 22.87 31.30
C HIS B 76 31.76 24.23 31.63
N SER B 77 30.67 24.26 32.40
CA SER B 77 30.00 25.53 32.72
C SER B 77 29.83 26.42 31.49
N PRO B 78 29.16 25.90 30.43
CA PRO B 78 28.95 26.66 29.18
C PRO B 78 28.12 27.94 29.35
N ALA B 79 28.43 28.96 28.56
CA ALA B 79 27.72 30.25 28.57
C ALA B 79 26.44 30.20 27.74
N VAL B 80 26.36 29.24 26.83
CA VAL B 80 25.26 29.11 25.89
C VAL B 80 25.21 27.66 25.41
N PHE B 81 24.01 27.16 25.10
CA PHE B 81 23.85 25.88 24.43
C PHE B 81 23.48 26.10 22.97
N LEU B 82 23.97 25.21 22.12
CA LEU B 82 23.66 25.27 20.70
C LEU B 82 23.01 23.93 20.34
N GLY B 83 21.82 23.99 19.76
CA GLY B 83 21.01 22.80 19.57
C GLY B 83 20.28 22.50 20.86
N PRO B 84 19.51 21.38 20.92
CA PRO B 84 19.16 20.41 19.88
C PRO B 84 18.29 20.93 18.74
N GLY B 85 18.21 20.15 17.66
CA GLY B 85 17.36 20.42 16.50
C GLY B 85 16.08 19.59 16.51
N CYS B 86 16.16 18.36 17.01
CA CYS B 86 14.97 17.52 17.13
C CYS B 86 14.01 18.10 18.17
N VAL B 87 12.72 18.08 17.83
CA VAL B 87 11.67 18.51 18.73
C VAL B 87 11.72 17.72 20.04
N TYR B 88 11.84 16.40 19.94
CA TYR B 88 11.78 15.56 21.14
C TYR B 88 13.02 15.69 22.00
N SER B 89 14.16 16.02 21.37
CA SER B 89 15.40 16.30 22.10
C SER B 89 15.38 17.66 22.80
N ALA B 90 14.92 18.69 22.10
CA ALA B 90 15.03 20.06 22.57
C ALA B 90 14.05 20.40 23.69
N ALA B 91 12.88 19.78 23.69
CA ALA B 91 11.93 19.98 24.76
C ALA B 91 12.55 19.79 26.15
N PRO B 92 13.07 18.58 26.48
CA PRO B 92 13.65 18.47 27.82
C PRO B 92 14.90 19.32 28.03
N VAL B 93 15.78 19.41 27.04
CA VAL B 93 17.00 20.24 27.18
C VAL B 93 16.63 21.71 27.43
N GLY B 94 15.58 22.17 26.75
CA GLY B 94 15.08 23.53 26.90
C GLY B 94 14.59 23.87 28.29
N ARG B 95 13.93 22.93 28.96
CA ARG B 95 13.49 23.17 30.32
C ARG B 95 14.67 23.25 31.30
N PHE B 96 15.75 22.51 31.02
CA PHE B 96 16.98 22.57 31.83
C PHE B 96 17.70 23.91 31.70
N THR B 97 17.93 24.34 30.46
CA THR B 97 18.65 25.59 30.19
C THR B 97 17.90 26.81 30.74
N ALA B 98 16.57 26.75 30.70
CA ALA B 98 15.72 27.78 31.31
C ALA B 98 15.91 27.84 32.83
N HIS B 99 15.90 26.66 33.47
CA HIS B 99 16.16 26.51 34.90
C HIS B 99 17.55 27.04 35.27
N TRP B 100 18.54 26.74 34.42
CA TRP B 100 19.93 27.15 34.64
C TRP B 100 20.16 28.62 34.35
N ARG B 101 19.20 29.25 33.66
CA ARG B 101 19.31 30.64 33.25
C ARG B 101 20.42 30.80 32.20
N VAL B 102 20.53 29.81 31.34
CA VAL B 102 21.51 29.80 30.25
C VAL B 102 20.80 29.84 28.90
N PRO B 103 21.24 30.73 27.99
CA PRO B 103 20.66 30.83 26.65
C PRO B 103 20.84 29.56 25.81
N LEU B 104 19.80 29.24 25.04
CA LEU B 104 19.84 28.14 24.07
C LEU B 104 19.51 28.68 22.68
N LEU B 105 20.42 28.46 21.73
CA LEU B 105 20.20 28.83 20.33
C LEU B 105 20.02 27.60 19.50
N THR B 106 19.05 27.65 18.60
CA THR B 106 18.82 26.54 17.69
C THR B 106 18.10 27.00 16.43
N ALA B 107 18.46 26.39 15.31
CA ALA B 107 17.77 26.65 14.06
C ALA B 107 16.79 25.51 13.74
N GLY B 108 16.68 24.56 14.66
CA GLY B 108 15.67 23.50 14.58
C GLY B 108 14.54 23.75 15.56
N ALA B 109 14.07 22.69 16.20
CA ALA B 109 12.94 22.73 17.12
C ALA B 109 11.77 23.65 16.70
N PRO B 110 11.15 23.40 15.53
CA PRO B 110 10.07 24.26 15.03
C PRO B 110 8.68 24.03 15.64
N ALA B 111 8.56 23.08 16.57
CA ALA B 111 7.26 22.71 17.13
C ALA B 111 6.58 23.86 17.86
N LEU B 112 5.26 23.83 17.82
CA LEU B 112 4.42 24.80 18.55
C LEU B 112 4.82 24.95 20.02
N GLY B 113 5.05 23.82 20.69
CA GLY B 113 5.31 23.78 22.14
C GLY B 113 6.52 24.57 22.60
N ILE B 114 7.53 24.66 21.73
CA ILE B 114 8.75 25.40 22.04
C ILE B 114 8.50 26.92 22.05
N GLY B 115 7.46 27.36 21.33
CA GLY B 115 7.08 28.77 21.30
C GLY B 115 6.54 29.33 22.62
N VAL B 116 6.37 28.48 23.62
CA VAL B 116 5.87 28.87 24.93
C VAL B 116 7.06 29.27 25.82
N LYS B 117 7.53 30.51 25.66
CA LYS B 117 8.79 30.95 26.25
C LYS B 117 8.73 31.24 27.77
N ASP B 118 7.54 31.14 28.38
CA ASP B 118 7.44 31.19 29.84
C ASP B 118 8.03 29.91 30.44
N GLU B 119 7.97 28.83 29.67
CA GLU B 119 8.62 27.58 29.98
C GLU B 119 10.03 27.50 29.38
N TYR B 120 10.15 27.85 28.10
CA TYR B 120 11.44 27.84 27.40
C TYR B 120 12.08 29.22 27.39
N ALA B 121 12.24 29.78 28.59
CA ALA B 121 12.94 31.04 28.78
C ALA B 121 14.34 30.94 28.21
N LEU B 122 14.77 32.00 27.53
CA LEU B 122 16.12 32.09 26.97
C LEU B 122 16.40 31.20 25.75
N THR B 123 15.36 30.51 25.25
CA THR B 123 15.45 29.80 23.97
C THR B 123 15.19 30.78 22.81
N THR B 124 16.19 30.91 21.93
CA THR B 124 16.07 31.73 20.73
C THR B 124 16.14 30.80 19.52
N ARG B 125 15.10 30.85 18.70
CA ARG B 125 15.05 30.03 17.48
C ARG B 125 15.40 30.90 16.29
N THR B 126 16.46 30.50 15.57
CA THR B 126 17.00 31.30 14.47
C THR B 126 16.68 30.67 13.11
N GLY B 127 15.94 29.57 13.13
CA GLY B 127 15.48 28.94 11.90
C GLY B 127 13.96 28.95 11.84
N PRO B 128 13.40 28.23 10.86
CA PRO B 128 11.96 28.20 10.70
C PRO B 128 11.24 27.65 11.93
N SER B 129 10.02 28.13 12.17
CA SER B 129 9.12 27.48 13.11
C SER B 129 7.74 27.31 12.48
N HIS B 130 6.96 26.38 12.97
CA HIS B 130 5.73 25.99 12.28
C HIS B 130 4.54 26.91 12.44
N VAL B 131 4.50 27.74 13.47
CA VAL B 131 3.41 28.73 13.56
C VAL B 131 3.57 29.77 12.47
N LYS B 132 4.82 30.06 12.08
CA LYS B 132 5.07 30.95 10.96
C LYS B 132 4.43 30.43 9.67
N LEU B 133 4.37 29.10 9.51
CA LEU B 133 3.67 28.52 8.37
C LEU B 133 2.17 28.81 8.44
N GLY B 134 1.62 28.78 9.65
CA GLY B 134 0.25 29.20 9.89
C GLY B 134 -0.01 30.64 9.51
N ASP B 135 1.01 31.50 9.67
CA ASP B 135 0.91 32.89 9.21
C ASP B 135 0.77 32.95 7.69
N PHE B 136 1.62 32.18 7.00
CA PHE B 136 1.55 32.12 5.54
C PHE B 136 0.17 31.69 5.06
N VAL B 137 -0.34 30.59 5.61
CA VAL B 137 -1.67 30.08 5.23
C VAL B 137 -2.75 31.13 5.45
N THR B 138 -2.72 31.79 6.61
CA THR B 138 -3.62 32.90 6.92
C THR B 138 -3.63 33.96 5.82
N ALA B 139 -2.42 34.39 5.42
CA ALA B 139 -2.27 35.39 4.39
C ALA B 139 -2.82 34.91 3.05
N LEU B 140 -2.74 33.60 2.79
CA LEU B 140 -3.25 33.02 1.54
C LEU B 140 -4.75 32.97 1.50
N HIS B 141 -5.36 32.65 2.63
CA HIS B 141 -6.80 32.52 2.68
C HIS B 141 -7.46 33.89 2.56
N ARG B 142 -6.83 34.89 3.16
CA ARG B 142 -7.31 36.27 3.05
C ARG B 142 -7.22 36.78 1.61
N ARG B 143 -6.08 36.59 0.96
CA ARG B 143 -5.89 37.04 -0.41
C ARG B 143 -6.86 36.39 -1.40
N LEU B 144 -7.27 35.15 -1.10
CA LEU B 144 -8.06 34.36 -2.04
C LEU B 144 -9.53 34.16 -1.65
N GLY B 145 -9.92 34.69 -0.48
CA GLY B 145 -11.32 34.69 -0.09
C GLY B 145 -11.81 33.41 0.54
N TRP B 146 -10.88 32.56 0.99
CA TRP B 146 -11.24 31.35 1.70
C TRP B 146 -11.39 31.70 3.16
N GLU B 147 -12.61 31.60 3.67
CA GLU B 147 -12.86 32.06 5.05
C GLU B 147 -13.77 31.14 5.85
N HIS B 148 -13.93 29.90 5.36
CA HIS B 148 -14.85 28.92 5.96
C HIS B 148 -14.21 27.59 6.38
N GLN B 149 -13.40 27.00 5.51
CA GLN B 149 -12.98 25.60 5.71
C GLN B 149 -11.73 25.13 4.97
N ALA B 150 -11.00 24.21 5.59
CA ALA B 150 -9.88 23.51 4.97
C ALA B 150 -9.69 22.11 5.55
N LEU B 151 -9.11 21.23 4.75
CA LEU B 151 -8.76 19.87 5.18
C LEU B 151 -7.25 19.69 5.11
N VAL B 152 -6.69 18.99 6.10
CA VAL B 152 -5.26 18.71 6.13
C VAL B 152 -5.02 17.22 6.30
N LEU B 153 -4.30 16.64 5.34
CA LEU B 153 -3.93 15.23 5.38
C LEU B 153 -2.42 15.17 5.61
N TYR B 154 -1.97 14.18 6.38
CA TYR B 154 -0.55 14.07 6.71
C TYR B 154 -0.11 12.68 7.15
N ALA B 155 1.14 12.38 6.87
CA ALA B 155 1.72 11.10 7.25
C ALA B 155 3.15 11.27 7.76
N ASP B 156 3.61 10.32 8.57
CA ASP B 156 4.99 10.29 9.04
C ASP B 156 5.60 8.89 8.95
N ARG B 157 6.89 8.79 9.26
CA ARG B 157 7.59 7.52 9.19
C ARG B 157 7.72 6.84 10.57
N LEU B 158 6.56 6.64 11.20
CA LEU B 158 6.37 5.78 12.38
C LEU B 158 7.62 5.59 13.26
N GLY B 159 7.82 6.50 14.22
CA GLY B 159 8.94 6.43 15.18
C GLY B 159 10.05 7.48 15.09
N ASP B 160 9.89 8.50 14.24
CA ASP B 160 10.93 9.54 14.07
C ASP B 160 10.58 10.86 14.77
N ASP B 161 11.16 11.98 14.29
CA ASP B 161 10.83 13.29 14.86
C ASP B 161 9.42 13.78 14.51
N ARG B 162 8.64 12.95 13.79
CA ARG B 162 7.26 13.26 13.38
C ARG B 162 7.12 14.65 12.74
N PRO B 163 7.89 14.90 11.66
CA PRO B 163 7.91 16.23 11.02
C PRO B 163 6.51 16.76 10.64
N CYS B 164 5.71 15.92 9.99
CA CYS B 164 4.39 16.33 9.49
C CYS B 164 3.35 16.57 10.57
N PHE B 165 3.38 15.78 11.63
CA PHE B 165 2.48 16.01 12.75
C PHE B 165 2.71 17.41 13.31
N PHE B 166 3.98 17.76 13.52
CA PHE B 166 4.33 19.06 14.09
C PHE B 166 4.04 20.22 13.15
N ILE B 167 4.31 20.01 11.86
CA ILE B 167 3.95 20.97 10.81
C ILE B 167 2.45 21.29 10.91
N VAL B 168 1.62 20.25 10.97
CA VAL B 168 0.17 20.41 11.01
C VAL B 168 -0.30 20.99 12.33
N GLU B 169 0.31 20.55 13.43
CA GLU B 169 0.00 21.15 14.74
C GLU B 169 0.20 22.68 14.70
N GLY B 170 1.38 23.13 14.25
CA GLY B 170 1.67 24.55 14.16
C GLY B 170 0.74 25.31 13.24
N LEU B 171 0.52 24.77 12.06
CA LEU B 171 -0.43 25.30 11.09
C LEU B 171 -1.86 25.41 11.67
N TYR B 172 -2.35 24.29 12.23
CA TYR B 172 -3.70 24.22 12.79
C TYR B 172 -3.94 25.33 13.80
N MET B 173 -3.13 25.36 14.86
CA MET B 173 -3.34 26.27 15.97
C MET B 173 -3.29 27.75 15.57
N ARG B 174 -2.32 28.12 14.73
CA ARG B 174 -2.19 29.52 14.31
C ARG B 174 -3.31 29.96 13.35
N VAL B 175 -3.73 29.06 12.46
CA VAL B 175 -4.78 29.37 11.50
C VAL B 175 -6.16 29.45 12.20
N ARG B 176 -6.47 28.43 13.01
CA ARG B 176 -7.69 28.45 13.85
C ARG B 176 -7.79 29.75 14.63
N GLU B 177 -6.65 30.19 15.16
CA GLU B 177 -6.57 31.36 16.02
C GLU B 177 -6.77 32.70 15.30
N ARG B 178 -6.36 32.76 14.02
CA ARG B 178 -6.36 34.03 13.28
C ARG B 178 -7.54 34.18 12.31
N LEU B 179 -8.09 33.06 11.86
CA LEU B 179 -9.16 33.04 10.86
C LEU B 179 -10.49 32.48 11.37
N ASN B 180 -10.44 31.75 12.48
CA ASN B 180 -11.60 31.02 12.99
C ASN B 180 -12.37 30.27 11.89
N ILE B 181 -11.63 29.51 11.10
CA ILE B 181 -12.21 28.62 10.10
C ILE B 181 -12.22 27.20 10.64
N THR B 182 -13.00 26.32 10.00
CA THR B 182 -12.96 24.92 10.34
C THR B 182 -11.76 24.25 9.65
N VAL B 183 -10.96 23.56 10.44
CA VAL B 183 -9.81 22.81 9.95
C VAL B 183 -9.95 21.34 10.35
N ASN B 184 -10.47 20.55 9.43
CA ASN B 184 -10.44 19.10 9.57
C ASN B 184 -9.03 18.62 9.27
N HIS B 185 -8.62 17.58 9.96
CA HIS B 185 -7.31 17.02 9.73
C HIS B 185 -7.38 15.53 9.91
N GLN B 186 -6.54 14.80 9.17
CA GLN B 186 -6.32 13.38 9.51
C GLN B 186 -5.00 12.78 9.06
N GLU B 187 -4.47 11.92 9.92
CA GLU B 187 -3.22 11.20 9.68
C GLU B 187 -3.47 9.99 8.78
N PHE B 188 -2.45 9.58 8.05
CA PHE B 188 -2.45 8.27 7.38
C PHE B 188 -1.06 7.64 7.43
N VAL B 189 -0.95 6.43 6.91
CA VAL B 189 0.34 5.75 6.80
C VAL B 189 0.69 5.58 5.33
N GLU B 190 1.83 6.16 4.94
CA GLU B 190 2.32 6.23 3.57
C GLU B 190 2.17 4.95 2.76
N GLY B 191 2.75 3.86 3.26
CA GLY B 191 2.79 2.61 2.49
C GLY B 191 1.59 1.69 2.65
N ASP B 192 0.53 2.17 3.33
CA ASP B 192 -0.62 1.32 3.60
C ASP B 192 -1.79 1.62 2.65
N PRO B 193 -2.02 0.73 1.66
CA PRO B 193 -3.03 1.01 0.63
C PRO B 193 -4.46 1.02 1.19
N ASP B 194 -4.63 0.50 2.41
CA ASP B 194 -5.91 0.54 3.12
C ASP B 194 -6.36 1.97 3.44
N HIS B 195 -5.40 2.87 3.57
CA HIS B 195 -5.69 4.24 3.98
C HIS B 195 -6.18 5.13 2.84
N TYR B 196 -6.08 4.63 1.61
CA TYR B 196 -6.37 5.45 0.44
C TYR B 196 -7.85 5.70 0.16
N PRO B 197 -8.73 4.69 0.36
CA PRO B 197 -10.17 4.92 0.31
C PRO B 197 -10.63 5.92 1.38
N LYS B 198 -10.07 5.81 2.58
CA LYS B 198 -10.34 6.77 3.64
C LYS B 198 -9.98 8.20 3.22
N LEU B 199 -8.75 8.39 2.73
CA LEU B 199 -8.28 9.72 2.34
C LEU B 199 -9.14 10.35 1.26
N LEU B 200 -9.47 9.57 0.22
CA LEU B 200 -10.26 10.06 -0.88
C LEU B 200 -11.67 10.43 -0.44
N ARG B 201 -12.22 9.63 0.46
CA ARG B 201 -13.55 9.89 1.01
C ARG B 201 -13.54 11.14 1.90
N ALA B 202 -12.47 11.32 2.67
CA ALA B 202 -12.34 12.53 3.48
C ALA B 202 -12.24 13.78 2.60
N VAL B 203 -11.54 13.66 1.46
CA VAL B 203 -11.42 14.78 0.51
C VAL B 203 -12.79 15.23 -0.01
N ARG B 204 -13.65 14.28 -0.37
CA ARG B 204 -15.00 14.63 -0.81
C ARG B 204 -15.88 15.19 0.29
N ARG B 205 -15.79 14.62 1.49
CA ARG B 205 -16.65 14.99 2.60
C ARG B 205 -16.24 16.29 3.30
N LYS B 206 -14.92 16.51 3.45
CA LYS B 206 -14.43 17.47 4.46
C LYS B 206 -13.66 18.70 3.95
N GLY B 207 -13.44 18.79 2.64
CA GLY B 207 -12.65 19.91 2.13
C GLY B 207 -12.64 20.12 0.64
N ARG B 208 -12.50 21.38 0.25
CA ARG B 208 -12.25 21.74 -1.13
C ARG B 208 -10.87 22.39 -1.23
N VAL B 209 -10.46 23.04 -0.14
CA VAL B 209 -9.09 23.53 -0.01
C VAL B 209 -8.32 22.52 0.84
N ILE B 210 -7.45 21.72 0.20
CA ILE B 210 -6.74 20.63 0.86
C ILE B 210 -5.24 20.89 0.99
N TYR B 211 -4.71 20.63 2.19
CA TYR B 211 -3.28 20.69 2.47
C TYR B 211 -2.80 19.26 2.76
N ILE B 212 -1.67 18.88 2.16
CA ILE B 212 -1.14 17.53 2.31
C ILE B 212 0.33 17.58 2.73
N CYS B 213 0.63 17.02 3.89
CA CYS B 213 2.01 16.86 4.33
C CYS B 213 2.41 15.38 4.20
N SER B 214 3.23 15.08 3.20
CA SER B 214 3.63 13.71 2.91
C SER B 214 4.85 13.68 2.00
N SER B 215 5.37 12.48 1.75
CA SER B 215 6.40 12.28 0.75
C SER B 215 5.93 12.74 -0.65
N PRO B 216 6.87 13.12 -1.54
CA PRO B 216 6.56 13.48 -2.92
C PRO B 216 5.74 12.41 -3.65
N ASP B 217 6.11 11.14 -3.45
CA ASP B 217 5.40 10.00 -4.08
C ASP B 217 3.96 9.83 -3.60
N ALA B 218 3.75 9.98 -2.31
CA ALA B 218 2.41 9.87 -1.71
C ALA B 218 1.51 10.96 -2.24
N PHE B 219 2.07 12.16 -2.37
CA PHE B 219 1.35 13.28 -2.94
C PHE B 219 0.96 13.00 -4.39
N ARG B 220 1.90 12.49 -5.19
CA ARG B 220 1.63 12.22 -6.60
C ARG B 220 0.52 11.20 -6.77
N ASN B 221 0.59 10.11 -6.00
CA ASN B 221 -0.45 9.07 -6.02
C ASN B 221 -1.83 9.62 -5.71
N LEU B 222 -1.91 10.50 -4.71
CA LEU B 222 -3.17 11.14 -4.34
C LEU B 222 -3.70 12.03 -5.45
N MET B 223 -2.82 12.77 -6.12
CA MET B 223 -3.25 13.59 -7.26
C MET B 223 -3.83 12.68 -8.35
N LEU B 224 -3.09 11.63 -8.71
CA LEU B 224 -3.60 10.66 -9.67
C LEU B 224 -4.95 10.11 -9.24
N LEU B 225 -5.06 9.66 -7.99
CA LEU B 225 -6.33 9.19 -7.47
C LEU B 225 -7.42 10.25 -7.56
N ALA B 226 -7.08 11.49 -7.25
CA ALA B 226 -8.06 12.58 -7.31
C ALA B 226 -8.56 12.85 -8.72
N LEU B 227 -7.65 12.89 -9.68
CA LEU B 227 -8.02 13.13 -11.08
C LEU B 227 -9.00 12.07 -11.56
N ASN B 228 -8.66 10.81 -11.29
CA ASN B 228 -9.50 9.68 -11.64
C ASN B 228 -10.88 9.66 -10.98
N ALA B 229 -10.96 10.22 -9.78
CA ALA B 229 -12.23 10.26 -9.08
C ALA B 229 -13.05 11.45 -9.56
N GLY B 230 -12.48 12.19 -10.52
CA GLY B 230 -13.16 13.35 -11.10
C GLY B 230 -13.04 14.63 -10.30
N LEU B 231 -12.16 14.64 -9.30
CA LEU B 231 -11.89 15.84 -8.52
C LEU B 231 -10.87 16.73 -9.24
N THR B 232 -11.33 17.84 -9.85
CA THR B 232 -10.45 18.72 -10.63
C THR B 232 -10.29 20.15 -10.06
N GLY B 233 -9.53 20.96 -10.80
CA GLY B 233 -9.19 22.33 -10.39
C GLY B 233 -10.31 23.35 -10.35
N GLU B 234 -11.50 22.98 -10.85
CA GLU B 234 -12.68 23.83 -10.73
C GLU B 234 -13.14 23.89 -9.29
N ASP B 235 -13.02 22.77 -8.57
CA ASP B 235 -13.63 22.63 -7.26
C ASP B 235 -12.62 22.37 -6.14
N TYR B 236 -11.40 21.98 -6.52
CA TYR B 236 -10.40 21.55 -5.56
C TYR B 236 -9.06 22.19 -5.82
N VAL B 237 -8.38 22.57 -4.74
CA VAL B 237 -6.97 22.92 -4.78
C VAL B 237 -6.19 22.10 -3.74
N PHE B 238 -5.13 21.43 -4.19
CA PHE B 238 -4.29 20.61 -3.33
C PHE B 238 -2.93 21.28 -3.11
N PHE B 239 -2.65 21.67 -1.86
CA PHE B 239 -1.36 22.27 -1.50
C PHE B 239 -0.43 21.23 -0.88
N HIS B 240 0.64 20.89 -1.59
CA HIS B 240 1.67 20.05 -1.02
C HIS B 240 2.55 20.85 -0.05
N LEU B 241 2.46 20.50 1.24
CA LEU B 241 3.33 21.07 2.27
C LEU B 241 4.67 20.37 2.20
N ASP B 242 5.60 21.00 1.52
CA ASP B 242 6.88 20.37 1.24
C ASP B 242 7.96 21.41 1.53
N VAL B 243 8.09 21.72 2.81
CA VAL B 243 8.86 22.89 3.25
C VAL B 243 10.31 22.84 2.78
N PHE B 244 10.87 21.63 2.72
CA PHE B 244 12.26 21.47 2.30
C PHE B 244 12.41 21.15 0.81
N GLY B 245 11.29 21.17 0.09
CA GLY B 245 11.28 20.94 -1.35
C GLY B 245 11.83 19.61 -1.80
N GLN B 246 11.45 18.53 -1.11
CA GLN B 246 11.91 17.19 -1.48
C GLN B 246 11.38 16.75 -2.84
N SER B 247 10.26 17.33 -3.28
CA SER B 247 9.65 16.97 -4.56
C SER B 247 10.23 17.80 -5.70
N LEU B 248 11.07 18.76 -5.33
CA LEU B 248 11.72 19.66 -6.28
C LEU B 248 13.24 19.42 -6.30
N LYS B 249 13.80 19.37 -7.50
CA LYS B 249 15.21 18.99 -7.68
C LYS B 249 16.18 20.15 -7.44
N PRO B 256 13.95 22.94 -15.99
CA PRO B 256 12.79 23.36 -15.20
C PRO B 256 12.28 22.26 -14.25
N GLN B 257 11.36 22.60 -13.36
CA GLN B 257 10.84 21.67 -12.35
C GLN B 257 9.57 20.93 -12.82
N LYS B 258 9.67 19.61 -12.91
CA LYS B 258 8.51 18.79 -13.26
C LYS B 258 8.27 17.70 -12.20
N PRO B 259 7.68 18.09 -11.05
CA PRO B 259 7.52 17.17 -9.90
C PRO B 259 6.56 16.02 -10.15
N TRP B 260 5.76 16.13 -11.22
CA TRP B 260 4.81 15.10 -11.61
C TRP B 260 5.44 13.98 -12.45
N GLU B 261 6.66 14.21 -12.92
CA GLU B 261 7.33 13.28 -13.84
C GLU B 261 8.06 12.11 -13.16
N ARG B 262 7.74 10.89 -13.61
CA ARG B 262 8.44 9.69 -13.13
C ARG B 262 8.91 8.75 -14.26
N GLY B 263 8.43 8.97 -15.48
CA GLY B 263 8.68 8.06 -16.61
C GLY B 263 8.11 6.67 -16.37
N ASP B 264 6.98 6.59 -15.69
CA ASP B 264 6.41 5.32 -15.28
C ASP B 264 5.15 4.98 -16.06
N GLY B 265 4.91 5.70 -17.14
CA GLY B 265 3.72 5.49 -17.95
C GLY B 265 2.48 6.25 -17.50
N GLN B 266 2.60 7.04 -16.43
CA GLN B 266 1.43 7.80 -15.91
C GLN B 266 1.68 9.29 -15.92
N ASP B 267 2.70 9.71 -16.68
CA ASP B 267 3.14 11.10 -16.63
C ASP B 267 2.13 12.07 -17.23
N ARG B 268 1.40 11.61 -18.25
CA ARG B 268 0.41 12.48 -18.89
C ARG B 268 -0.76 12.73 -17.93
N SER B 269 -1.19 11.67 -17.24
CA SER B 269 -2.21 11.79 -16.20
C SER B 269 -1.71 12.67 -15.05
N ALA B 270 -0.44 12.49 -14.69
CA ALA B 270 0.14 13.18 -13.55
C ALA B 270 0.25 14.67 -13.84
N ARG B 271 0.56 15.00 -15.09
CA ARG B 271 0.61 16.39 -15.53
C ARG B 271 -0.77 17.01 -15.40
N GLN B 272 -1.77 16.30 -15.92
CA GLN B 272 -3.17 16.69 -15.84
C GLN B 272 -3.62 16.81 -14.36
N ALA B 273 -3.28 15.82 -13.54
CA ALA B 273 -3.63 15.84 -12.11
C ALA B 273 -3.03 17.02 -11.39
N PHE B 274 -1.78 17.36 -11.71
CA PHE B 274 -1.09 18.45 -11.03
C PHE B 274 -1.59 19.85 -11.41
N GLN B 275 -2.47 19.94 -12.39
CA GLN B 275 -3.10 21.22 -12.74
C GLN B 275 -3.86 21.78 -11.51
N ALA B 276 -4.28 20.89 -10.61
CA ALA B 276 -4.98 21.26 -9.38
C ALA B 276 -4.04 21.39 -8.17
N ALA B 277 -2.73 21.25 -8.40
CA ALA B 277 -1.77 21.20 -7.30
C ALA B 277 -0.80 22.39 -7.26
N LYS B 278 -0.42 22.77 -6.05
CA LYS B 278 0.58 23.80 -5.82
C LYS B 278 1.44 23.33 -4.66
N ILE B 279 2.66 23.86 -4.58
CA ILE B 279 3.65 23.39 -3.62
C ILE B 279 4.12 24.52 -2.72
N ILE B 280 4.06 24.30 -1.41
CA ILE B 280 4.53 25.29 -0.45
C ILE B 280 5.90 24.85 0.10
N THR B 281 6.89 25.69 -0.12
CA THR B 281 8.24 25.43 0.38
C THR B 281 8.71 26.64 1.18
N TYR B 282 9.78 26.46 1.97
CA TYR B 282 10.53 27.60 2.48
C TYR B 282 11.07 28.40 1.29
N LYS B 283 11.27 29.71 1.49
CA LYS B 283 11.89 30.54 0.47
C LYS B 283 13.39 30.26 0.38
N GLU B 284 13.87 30.10 -0.85
CA GLU B 284 15.30 30.01 -1.12
C GLU B 284 15.93 31.39 -0.94
N PRO B 285 16.93 31.50 -0.05
CA PRO B 285 17.71 32.74 0.02
C PRO B 285 18.34 33.12 -1.33
N ASP B 286 18.10 34.36 -1.78
CA ASP B 286 18.58 34.81 -3.09
C ASP B 286 19.66 35.93 -3.04
N ASN B 287 20.26 36.15 -1.87
CA ASN B 287 21.36 37.10 -1.75
C ASN B 287 22.69 36.46 -2.13
N PRO B 288 23.65 37.25 -2.67
CA PRO B 288 24.93 36.69 -3.14
C PRO B 288 25.76 36.00 -2.05
N GLU B 289 25.65 36.46 -0.80
CA GLU B 289 26.39 35.87 0.33
C GLU B 289 26.03 34.40 0.57
N TYR B 290 24.77 34.06 0.33
CA TYR B 290 24.28 32.69 0.56
C TYR B 290 24.97 31.68 -0.35
N LEU B 291 25.15 32.05 -1.61
CA LEU B 291 25.78 31.16 -2.58
C LEU B 291 27.25 30.92 -2.24
N GLU B 292 27.91 31.96 -1.75
CA GLU B 292 29.30 31.84 -1.31
C GLU B 292 29.41 30.95 -0.05
N PHE B 293 28.52 31.17 0.92
CA PHE B 293 28.45 30.32 2.10
C PHE B 293 28.33 28.83 1.71
N LEU B 294 27.46 28.53 0.74
CA LEU B 294 27.27 27.15 0.29
C LEU B 294 28.55 26.53 -0.29
N LYS B 295 29.29 27.29 -1.11
CA LYS B 295 30.58 26.81 -1.64
C LYS B 295 31.57 26.45 -0.50
N GLN B 296 31.66 27.34 0.47
CA GLN B 296 32.56 27.17 1.62
C GLN B 296 32.11 26.03 2.53
N LEU B 297 30.81 25.93 2.79
CA LEU B 297 30.23 24.83 3.57
C LEU B 297 30.49 23.46 2.92
N LYS B 298 30.30 23.37 1.60
CA LYS B 298 30.50 22.09 0.88
C LYS B 298 31.95 21.69 0.93
N LEU B 299 32.81 22.64 0.63
CA LEU B 299 34.26 22.45 0.67
C LEU B 299 34.75 21.99 2.05
N LEU B 300 34.36 22.74 3.10
CA LEU B 300 34.77 22.43 4.46
C LEU B 300 34.11 21.18 5.04
N ALA B 301 32.89 20.88 4.60
CA ALA B 301 32.24 19.64 5.01
C ALA B 301 32.99 18.42 4.47
N ASP B 302 33.42 18.52 3.20
CA ASP B 302 34.15 17.44 2.52
C ASP B 302 35.51 17.19 3.15
N LYS B 303 36.24 18.28 3.44
CA LYS B 303 37.61 18.22 3.93
C LYS B 303 37.76 17.79 5.38
N LYS B 304 36.99 18.40 6.28
CA LYS B 304 37.23 18.24 7.72
C LYS B 304 36.14 17.44 8.48
N PHE B 305 35.08 17.03 7.78
CA PHE B 305 33.94 16.35 8.42
C PHE B 305 33.49 15.09 7.68
N ASN B 306 34.18 14.78 6.58
CA ASN B 306 33.97 13.53 5.82
C ASN B 306 32.53 13.34 5.32
N PHE B 307 31.96 14.38 4.71
CA PHE B 307 30.56 14.36 4.29
C PHE B 307 30.27 15.23 3.07
N THR B 308 29.51 14.68 2.12
CA THR B 308 29.08 15.42 0.92
C THR B 308 27.78 16.15 1.17
N VAL B 309 27.81 17.49 1.09
CA VAL B 309 26.62 18.32 1.27
C VAL B 309 25.92 18.56 -0.06
N GLU B 310 24.75 17.94 -0.21
CA GLU B 310 23.90 18.10 -1.38
C GLU B 310 23.20 19.44 -1.37
N ASP B 311 22.90 19.96 -2.57
CA ASP B 311 22.12 21.19 -2.72
C ASP B 311 20.67 20.98 -2.29
N GLY B 312 20.05 22.02 -1.76
CA GLY B 312 18.65 21.93 -1.37
C GLY B 312 18.30 22.89 -0.26
N LEU B 313 17.01 22.96 0.03
CA LEU B 313 16.48 23.85 1.06
C LEU B 313 16.92 23.48 2.48
N LYS B 314 17.21 22.21 2.71
CA LYS B 314 17.75 21.77 4.01
C LYS B 314 18.93 22.60 4.48
N ASN B 315 19.67 23.16 3.52
CA ASN B 315 20.86 23.93 3.79
C ASN B 315 20.64 25.24 4.52
N ILE B 316 19.40 25.73 4.58
CA ILE B 316 19.10 26.94 5.36
C ILE B 316 19.26 26.72 6.86
N ILE B 317 19.19 25.45 7.28
CA ILE B 317 19.27 25.10 8.70
C ILE B 317 20.68 25.32 9.27
N PRO B 318 21.72 24.68 8.65
CA PRO B 318 23.10 25.01 9.06
C PRO B 318 23.45 26.49 8.85
N ALA B 319 22.92 27.09 7.78
CA ALA B 319 23.09 28.53 7.54
C ALA B 319 22.48 29.38 8.66
N SER B 320 21.34 28.94 9.19
CA SER B 320 20.67 29.68 10.26
C SER B 320 21.32 29.43 11.63
N PHE B 321 22.02 28.30 11.78
CA PHE B 321 22.88 28.08 12.94
C PHE B 321 24.05 29.06 12.87
N HIS B 322 24.67 29.13 11.70
CA HIS B 322 25.72 30.10 11.41
C HIS B 322 25.26 31.52 11.76
N ASP B 323 24.12 31.93 11.21
CA ASP B 323 23.63 33.27 11.47
C ASP B 323 23.21 33.50 12.93
N GLY B 324 22.66 32.44 13.56
CA GLY B 324 22.26 32.47 14.96
C GLY B 324 23.43 32.70 15.89
N LEU B 325 24.52 31.99 15.62
CA LEU B 325 25.73 32.12 16.42
C LEU B 325 26.30 33.53 16.34
N LEU B 326 26.32 34.08 15.12
CA LEU B 326 26.81 35.44 14.90
C LEU B 326 25.93 36.46 15.57
N LEU B 327 24.62 36.27 15.45
CA LEU B 327 23.65 37.11 16.15
C LEU B 327 23.90 37.10 17.65
N TYR B 328 24.15 35.92 18.22
CA TYR B 328 24.47 35.80 19.63
C TYR B 328 25.78 36.54 19.95
N VAL B 329 26.83 36.27 19.17
CA VAL B 329 28.12 36.97 19.30
C VAL B 329 27.93 38.49 19.34
N GLN B 330 27.08 39.02 18.46
CA GLN B 330 26.80 40.45 18.39
C GLN B 330 26.11 40.96 19.66
N ALA B 331 25.26 40.10 20.23
CA ALA B 331 24.51 40.45 21.42
C ALA B 331 25.40 40.51 22.65
N VAL B 332 26.28 39.52 22.80
CA VAL B 332 27.25 39.45 23.88
C VAL B 332 28.21 40.65 23.83
N THR B 333 28.67 41.00 22.64
CA THR B 333 29.56 42.15 22.46
C THR B 333 28.94 43.43 23.00
N GLU B 334 27.72 43.73 22.59
CA GLU B 334 26.98 44.89 23.10
C GLU B 334 26.80 44.80 24.61
N THR B 335 26.64 43.57 25.12
CA THR B 335 26.45 43.38 26.55
C THR B 335 27.74 43.68 27.31
N LEU B 336 28.87 43.21 26.80
CA LEU B 336 30.18 43.50 27.39
C LEU B 336 30.48 44.99 27.34
N ALA B 337 30.16 45.59 26.19
CA ALA B 337 30.36 47.02 25.94
C ALA B 337 29.64 47.89 26.96
N GLN B 338 28.59 47.37 27.58
CA GLN B 338 27.83 48.13 28.56
C GLN B 338 28.00 47.68 30.00
N GLY B 339 29.09 46.96 30.26
CA GLY B 339 29.48 46.59 31.62
C GLY B 339 28.91 45.28 32.15
N GLY B 340 28.15 44.57 31.32
CA GLY B 340 27.65 43.23 31.66
C GLY B 340 28.70 42.16 31.39
N THR B 341 28.32 40.89 31.62
CA THR B 341 29.21 39.78 31.32
C THR B 341 28.56 38.71 30.41
N VAL B 342 29.36 37.74 29.96
CA VAL B 342 28.91 36.68 29.04
C VAL B 342 27.83 35.74 29.62
N THR B 343 27.66 35.74 30.94
CA THR B 343 26.66 34.88 31.58
C THR B 343 25.36 35.60 31.91
N ASP B 344 25.23 36.87 31.54
CA ASP B 344 23.99 37.61 31.79
C ASP B 344 22.92 37.19 30.76
N GLY B 345 22.42 35.96 30.92
CA GLY B 345 21.49 35.34 29.98
C GLY B 345 20.30 36.18 29.56
N GLU B 346 19.64 36.79 30.52
CA GLU B 346 18.46 37.62 30.25
C GLU B 346 18.80 38.86 29.44
N ASN B 347 19.89 39.55 29.81
CA ASN B 347 20.32 40.76 29.09
C ASN B 347 20.74 40.44 27.66
N ILE B 348 21.46 39.34 27.47
CA ILE B 348 21.96 38.92 26.16
C ILE B 348 20.80 38.51 25.24
N THR B 349 19.89 37.69 25.77
CA THR B 349 18.75 37.18 25.02
C THR B 349 17.82 38.30 24.56
N GLN B 350 17.56 39.23 25.47
CA GLN B 350 16.73 40.39 25.20
C GLN B 350 17.28 41.24 24.06
N ARG B 351 18.60 41.21 23.87
CA ARG B 351 19.25 41.91 22.76
C ARG B 351 19.15 41.17 21.43
N MET B 352 18.70 39.92 21.47
CA MET B 352 18.49 39.11 20.26
C MET B 352 17.04 39.15 19.77
N TRP B 353 16.12 39.30 20.72
CA TRP B 353 14.69 39.27 20.43
C TRP B 353 14.23 40.62 19.92
N ASN B 354 13.20 40.63 19.07
CA ASN B 354 12.66 41.84 18.44
C ASN B 354 13.75 42.68 17.73
N ARG B 355 14.68 41.99 17.10
CA ARG B 355 15.81 42.65 16.47
C ARG B 355 16.11 41.99 15.14
N SER B 356 16.42 42.80 14.14
CA SER B 356 16.84 42.30 12.85
C SER B 356 18.35 42.22 12.76
N PHE B 357 18.83 41.44 11.80
CA PHE B 357 20.24 41.14 11.66
C PHE B 357 20.49 40.78 10.21
N GLN B 358 21.75 40.87 9.81
CA GLN B 358 22.17 40.63 8.44
C GLN B 358 23.19 39.51 8.46
N GLY B 359 22.92 38.45 7.73
CA GLY B 359 23.77 37.27 7.71
C GLY B 359 23.69 36.59 6.37
N VAL B 360 24.23 35.37 6.28
CA VAL B 360 24.28 34.64 5.01
C VAL B 360 22.90 34.30 4.43
N THR B 361 21.89 34.16 5.29
CA THR B 361 20.53 33.89 4.81
C THR B 361 19.81 35.18 4.40
N GLY B 362 20.57 36.27 4.29
CA GLY B 362 20.03 37.60 3.99
C GLY B 362 19.55 38.27 5.25
N TYR B 363 18.50 39.07 5.09
CA TYR B 363 17.83 39.76 6.19
C TYR B 363 17.15 38.73 7.07
N LEU B 364 17.26 38.90 8.38
CA LEU B 364 16.51 38.06 9.30
C LEU B 364 16.00 38.87 10.46
N LYS B 365 14.78 38.59 10.89
CA LYS B 365 14.17 39.27 12.01
C LYS B 365 13.75 38.23 13.01
N ILE B 366 14.12 38.44 14.27
CA ILE B 366 13.66 37.63 15.36
C ILE B 366 12.49 38.38 15.97
N ASP B 367 11.33 37.73 16.05
CA ASP B 367 10.14 38.39 16.59
C ASP B 367 10.23 38.64 18.10
N ARG B 368 9.24 39.32 18.66
CA ARG B 368 9.17 39.67 20.08
C ARG B 368 9.03 38.45 21.00
N ASN B 369 8.87 37.28 20.41
CA ASN B 369 8.78 36.02 21.15
C ASN B 369 10.04 35.17 21.00
N GLY B 370 11.07 35.73 20.36
CA GLY B 370 12.35 35.02 20.22
C GLY B 370 12.41 33.97 19.13
N ASP B 371 11.49 34.06 18.16
CA ASP B 371 11.45 33.18 17.01
C ASP B 371 11.64 33.96 15.71
N ARG B 372 12.57 33.49 14.87
CA ARG B 372 12.83 34.08 13.56
C ARG B 372 11.60 34.07 12.65
N ASP B 373 11.38 35.18 11.95
CA ASP B 373 10.39 35.26 10.89
C ASP B 373 10.83 34.43 9.69
N THR B 374 9.92 33.60 9.19
CA THR B 374 10.22 32.65 8.12
C THR B 374 9.49 33.02 6.82
N ASP B 375 10.23 33.03 5.73
CA ASP B 375 9.68 33.34 4.42
C ASP B 375 9.32 32.07 3.64
N PHE B 376 8.26 32.13 2.85
CA PHE B 376 7.78 30.97 2.10
C PHE B 376 7.60 31.32 0.64
N SER B 377 7.74 30.32 -0.22
CA SER B 377 7.41 30.43 -1.65
C SER B 377 6.21 29.53 -1.98
N LEU B 378 5.38 29.99 -2.92
CA LEU B 378 4.33 29.18 -3.51
C LEU B 378 4.69 28.86 -4.97
N TRP B 379 4.83 27.56 -5.26
CA TRP B 379 5.14 27.09 -6.61
C TRP B 379 3.86 26.69 -7.35
N ASP B 380 3.76 27.10 -8.60
CA ASP B 380 2.56 26.91 -9.41
C ASP B 380 2.89 26.38 -10.81
N MET B 381 1.90 25.83 -11.49
CA MET B 381 2.06 25.30 -12.84
C MET B 381 2.04 26.37 -13.94
N ASP B 382 3.00 26.28 -14.85
CA ASP B 382 2.95 26.97 -16.14
C ASP B 382 2.11 26.11 -17.07
N PRO B 383 0.98 26.65 -17.56
CA PRO B 383 0.03 25.81 -18.33
C PRO B 383 0.59 25.35 -19.69
N GLU B 384 1.53 26.10 -20.26
CA GLU B 384 2.13 25.70 -21.53
C GLU B 384 2.98 24.44 -21.36
N THR B 385 3.93 24.49 -20.43
CA THR B 385 4.94 23.44 -20.28
C THR B 385 4.59 22.39 -19.22
N GLY B 386 3.76 22.78 -18.26
CA GLY B 386 3.45 21.93 -17.11
C GLY B 386 4.50 22.05 -16.00
N ALA B 387 5.56 22.81 -16.25
CA ALA B 387 6.64 23.01 -15.27
C ALA B 387 6.16 23.86 -14.10
N PHE B 388 6.76 23.66 -12.93
CA PHE B 388 6.44 24.48 -11.75
C PHE B 388 7.48 25.55 -11.49
N ARG B 389 7.03 26.73 -11.07
CA ARG B 389 7.91 27.81 -10.67
C ARG B 389 7.30 28.66 -9.56
N VAL B 390 8.15 29.34 -8.78
CA VAL B 390 7.70 30.26 -7.74
C VAL B 390 6.92 31.39 -8.39
N VAL B 391 5.69 31.59 -7.93
CA VAL B 391 4.84 32.70 -8.40
C VAL B 391 4.47 33.67 -7.28
N LEU B 392 4.57 33.23 -6.02
CA LEU B 392 4.33 34.09 -4.87
C LEU B 392 5.38 33.88 -3.81
N ASN B 393 5.85 34.98 -3.23
CA ASN B 393 6.79 34.95 -2.13
C ASN B 393 6.14 35.63 -0.95
N TYR B 394 6.39 35.08 0.23
CA TYR B 394 5.79 35.59 1.44
C TYR B 394 6.90 36.07 2.36
N ASN B 395 6.76 37.30 2.83
CA ASN B 395 7.71 37.89 3.75
C ASN B 395 7.14 37.76 5.18
N GLY B 396 7.84 37.02 6.03
CA GLY B 396 7.33 36.70 7.36
C GLY B 396 7.23 37.89 8.29
N THR B 397 7.94 38.96 7.95
CA THR B 397 7.99 40.15 8.80
C THR B 397 6.89 41.12 8.42
N SER B 398 6.83 41.44 7.13
CA SER B 398 5.81 42.33 6.61
C SER B 398 4.44 41.64 6.54
N GLN B 399 4.45 40.31 6.42
CA GLN B 399 3.24 39.50 6.21
C GLN B 399 2.60 39.77 4.84
N GLU B 400 3.42 40.25 3.91
CA GLU B 400 2.98 40.55 2.55
C GLU B 400 3.24 39.42 1.57
N LEU B 401 2.28 39.19 0.69
CA LEU B 401 2.45 38.31 -0.45
C LEU B 401 2.82 39.14 -1.66
N MET B 402 3.89 38.73 -2.35
CA MET B 402 4.38 39.44 -3.54
C MET B 402 4.47 38.49 -4.71
N ALA B 403 3.90 38.90 -5.84
CA ALA B 403 4.02 38.15 -7.08
C ALA B 403 5.48 38.17 -7.56
N VAL B 404 5.82 37.20 -8.40
CA VAL B 404 7.18 37.07 -8.91
C VAL B 404 7.12 37.11 -10.43
N SER B 405 7.93 37.99 -11.02
CA SER B 405 8.14 38.02 -12.48
C SER B 405 6.85 38.26 -13.28
N GLU B 406 5.96 39.11 -12.77
CA GLU B 406 4.69 39.38 -13.44
C GLU B 406 3.80 38.13 -13.59
N HIS B 407 4.18 37.04 -12.89
CA HIS B 407 3.39 35.80 -12.91
C HIS B 407 2.08 35.96 -12.16
N LYS B 408 1.07 35.20 -12.57
CA LYS B 408 -0.17 35.15 -11.83
C LYS B 408 -0.50 33.71 -11.48
N LEU B 409 -1.25 33.52 -10.40
CA LEU B 409 -1.66 32.19 -9.94
C LEU B 409 -2.47 31.44 -11.00
N TYR B 410 -2.15 30.17 -11.20
CA TYR B 410 -2.84 29.39 -12.21
C TYR B 410 -4.11 28.73 -11.67
N TRP B 411 -5.22 28.99 -12.36
CA TRP B 411 -6.48 28.36 -12.04
C TRP B 411 -7.07 27.73 -13.29
N PRO B 412 -7.30 26.40 -13.27
CA PRO B 412 -7.66 25.63 -14.47
C PRO B 412 -8.80 26.23 -15.26
N LEU B 413 -9.71 26.93 -14.60
CA LEU B 413 -10.71 27.69 -15.31
C LEU B 413 -10.92 29.08 -14.69
N GLY B 414 -9.84 29.83 -14.55
CA GLY B 414 -9.92 31.28 -14.37
C GLY B 414 -9.68 31.87 -12.99
N TYR B 415 -10.32 31.31 -11.98
CA TYR B 415 -10.25 31.85 -10.62
C TYR B 415 -10.20 30.74 -9.57
N PRO B 416 -9.90 31.10 -8.30
CA PRO B 416 -9.78 30.07 -7.26
C PRO B 416 -11.11 29.36 -6.99
N PRO B 417 -11.08 28.04 -6.76
CA PRO B 417 -12.32 27.39 -6.35
C PRO B 417 -12.79 27.92 -5.00
N PRO B 418 -14.12 27.95 -4.77
CA PRO B 418 -14.59 28.34 -3.44
C PRO B 418 -14.31 27.23 -2.41
N ASP B 419 -14.11 27.60 -1.15
CA ASP B 419 -13.74 26.63 -0.10
C ASP B 419 -14.93 25.84 0.47
N VAL B 420 -16.14 26.29 0.16
CA VAL B 420 -17.36 25.53 0.40
C VAL B 420 -18.08 25.29 -0.92
N PRO B 421 -18.48 24.04 -1.20
CA PRO B 421 -19.23 23.78 -2.44
C PRO B 421 -20.57 24.50 -2.46
N LYS B 422 -21.09 24.72 -3.66
CA LYS B 422 -22.35 25.46 -3.88
C LYS B 422 -23.48 25.04 -2.93
N CYS B 423 -23.62 23.74 -2.72
CA CYS B 423 -24.71 23.24 -1.90
C CYS B 423 -24.28 22.73 -0.52
N GLY B 424 -23.13 23.21 -0.04
CA GLY B 424 -22.55 22.72 1.20
C GLY B 424 -21.88 21.36 1.05
N PHE B 425 -21.26 20.88 2.12
CA PHE B 425 -20.52 19.62 2.07
C PHE B 425 -21.45 18.40 2.11
N ASP B 426 -22.56 18.51 2.82
CA ASP B 426 -23.53 17.43 2.93
C ASP B 426 -24.84 17.87 2.31
N ASN B 427 -24.85 18.07 0.99
CA ASN B 427 -26.05 18.56 0.33
C ASN B 427 -27.26 17.65 0.50
N GLU B 428 -28.17 18.06 1.38
CA GLU B 428 -29.43 17.34 1.62
C GLU B 428 -30.64 18.17 1.20
N ASP B 429 -30.37 19.29 0.53
CA ASP B 429 -31.39 20.14 -0.09
C ASP B 429 -31.61 19.66 -1.52
N PRO B 430 -32.71 18.93 -1.77
CA PRO B 430 -33.04 18.46 -3.12
C PRO B 430 -33.26 19.60 -4.13
N ALA B 431 -33.60 20.79 -3.61
CA ALA B 431 -33.82 21.99 -4.43
C ALA B 431 -32.50 22.66 -4.83
N CYS B 432 -31.42 22.31 -4.15
CA CYS B 432 -30.13 22.91 -4.41
C CYS B 432 -29.40 22.16 -5.53
N ASN B 433 -29.13 22.88 -6.62
CA ASN B 433 -28.49 22.31 -7.81
C ASN B 433 -26.96 22.33 -7.73
N GLN B 434 -26.37 21.15 -7.48
CA GLN B 434 -24.92 20.99 -7.31
C GLN B 434 -24.09 21.35 -8.54
N ASP B 435 -24.72 21.26 -9.72
CA ASP B 435 -24.08 21.59 -11.01
C ASP B 435 -23.71 23.07 -11.10
C1 NAG C . 4.06 -24.15 3.91
C2 NAG C . 5.28 -23.52 4.60
C3 NAG C . 5.10 -22.02 4.69
C4 NAG C . 4.79 -21.44 3.33
C5 NAG C . 3.59 -22.13 2.68
C6 NAG C . 3.46 -21.67 1.23
C7 NAG C . 6.37 -24.93 6.30
C8 NAG C . 6.39 -25.34 7.75
N2 NAG C . 5.47 -24.01 5.95
O3 NAG C . 6.27 -21.41 5.20
O4 NAG C . 4.49 -20.09 3.51
O5 NAG C . 3.79 -23.54 2.67
O6 NAG C . 2.34 -22.30 0.66
O7 NAG C . 7.18 -25.44 5.51
C1 NAG C . 5.33 -18.79 2.17
C2 NAG C . 4.81 -17.39 2.42
C3 NAG C . 5.66 -16.47 1.56
C4 NAG C . 7.14 -16.62 1.95
C5 NAG C . 7.55 -18.10 1.82
C6 NAG C . 8.98 -18.40 2.27
C7 NAG C . 2.35 -17.65 2.84
C8 NAG C . 1.06 -17.92 2.10
N2 NAG C . 3.39 -17.30 2.07
O3 NAG C . 5.21 -15.13 1.65
O4 NAG C . 7.94 -15.71 1.21
O5 NAG C . 6.68 -18.91 2.59
O6 NAG C . 9.24 -19.79 2.13
O7 NAG C . 2.39 -17.77 4.06
C1 NAG D . 20.30 8.12 11.41
C2 NAG D . 20.41 6.61 11.60
C3 NAG D . 19.29 5.89 10.85
C4 NAG D . 17.94 6.57 11.02
C5 NAG D . 17.99 8.09 10.94
C6 NAG D . 16.67 8.71 11.36
C7 NAG D . 22.70 5.73 11.81
C8 NAG D . 22.49 5.54 13.29
N2 NAG D . 21.65 6.07 11.05
O3 NAG D . 19.19 4.57 11.34
O4 NAG D . 17.18 6.14 9.94
O5 NAG D . 19.01 8.57 11.79
O6 NAG D . 16.62 10.03 10.85
O7 NAG D . 23.82 5.57 11.33
C1 NAG D . 15.38 5.21 10.78
C2 NAG D . 14.55 4.76 9.59
C3 NAG D . 13.40 3.91 10.12
C4 NAG D . 13.84 2.89 11.18
C5 NAG D . 14.85 3.47 12.19
C6 NAG D . 15.43 2.44 13.16
C7 NAG D . 14.84 6.66 8.02
C8 NAG D . 14.53 8.12 7.93
N2 NAG D . 14.08 5.92 8.83
O3 NAG D . 12.79 3.24 9.03
O4 NAG D . 12.71 2.38 11.86
O5 NAG D . 15.91 4.09 11.47
O6 NAG D . 15.86 3.11 14.34
O7 NAG D . 15.77 6.21 7.36
C1 NAG E . -15.65 30.59 15.05
C2 NAG E . -16.36 30.91 16.37
C3 NAG E . -17.57 30.00 16.55
C4 NAG E . -18.40 30.03 15.27
C5 NAG E . -17.59 29.56 14.08
C6 NAG E . -18.49 29.46 12.84
C7 NAG E . -15.13 31.74 18.33
C8 NAG E . -15.36 31.51 19.80
N2 NAG E . -15.46 30.74 17.51
O3 NAG E . -18.33 30.41 17.68
O4 NAG E . -19.47 29.14 15.39
O5 NAG E . -16.54 30.50 13.93
O6 NAG E . -17.76 29.18 11.66
O7 NAG E . -14.63 32.79 17.93
C1 NAG E . -21.01 28.83 16.57
C2 NAG E . -21.43 27.36 16.50
C3 NAG E . -22.94 27.37 16.65
C4 NAG E . -23.33 28.06 17.98
C5 NAG E . -22.66 29.44 18.13
C6 NAG E . -22.82 30.01 19.54
C7 NAG E . -20.04 25.75 15.23
C8 NAG E . -19.67 25.24 13.87
N2 NAG E . -20.96 26.73 15.27
O3 NAG E . -23.43 26.06 16.61
O4 NAG E . -24.73 28.13 18.13
O5 NAG E . -21.27 29.39 17.83
O6 NAG E . -22.52 31.39 19.52
O7 NAG E . -19.51 25.27 16.24
C1 NAG F . -25.31 -31.51 -14.53
C2 NAG F . -26.09 -32.33 -13.50
C3 NAG F . -26.00 -33.81 -13.85
C4 NAG F . -26.33 -34.04 -15.31
C5 NAG F . -25.54 -33.09 -16.21
C6 NAG F . -25.81 -33.28 -17.70
C7 NAG F . -26.30 -32.03 -11.12
C8 NAG F . -25.61 -31.97 -9.78
N2 NAG F . -25.51 -32.15 -12.19
O3 NAG F . -26.89 -34.57 -13.06
O4 NAG F . -25.89 -35.34 -15.57
O5 NAG F . -25.81 -31.77 -15.81
O6 NAG F . -27.19 -33.19 -17.96
O7 NAG F . -27.53 -31.96 -11.20
S SO4 G . -19.37 2.01 9.77
O1 SO4 G . -20.37 1.06 10.24
O2 SO4 G . -19.25 3.10 10.73
O3 SO4 G . -18.11 1.31 9.72
O4 SO4 G . -19.74 2.57 8.46
C1 NAG H . -27.59 -36.72 -15.68
C2 NAG H . -26.88 -37.69 -16.61
C3 NAG H . -27.62 -39.02 -16.48
C4 NAG H . -27.54 -39.47 -15.01
C5 NAG H . -28.14 -38.37 -14.11
C6 NAG H . -28.13 -38.76 -12.63
C7 NAG H . -25.78 -36.92 -18.67
C8 NAG H . -26.00 -36.31 -20.02
N2 NAG H . -26.89 -37.18 -17.97
O3 NAG H . -27.03 -39.99 -17.33
O4 NAG H . -28.17 -40.72 -14.85
O5 NAG H . -27.45 -37.15 -14.33
O6 NAG H . -27.73 -37.66 -11.83
O7 NAG H . -24.65 -37.14 -18.26
S SO4 I . 8.94 -29.43 -25.38
O1 SO4 I . 9.06 -30.88 -25.21
O2 SO4 I . 8.15 -28.86 -24.29
O3 SO4 I . 10.25 -28.80 -25.38
O4 SO4 I . 8.28 -29.15 -26.65
S SO4 J . -19.48 -22.92 -28.48
O1 SO4 J . -19.82 -23.98 -29.41
O2 SO4 J . -20.63 -22.63 -27.64
O3 SO4 J . -18.38 -23.37 -27.63
O4 SO4 J . -19.05 -21.73 -29.21
S SO4 K . -16.81 -32.86 -23.75
O1 SO4 K . -17.39 -34.03 -23.09
O2 SO4 K . -17.00 -31.66 -22.94
O3 SO4 K . -15.37 -33.09 -23.93
O4 SO4 K . -17.44 -32.67 -25.06
BR BR L . 2.26 -30.66 -4.85
C1 NAG M . 10.78 41.53 4.42
C2 NAG M . 12.03 42.07 3.74
C3 NAG M . 12.79 42.97 4.70
C4 NAG M . 11.88 44.04 5.29
C5 NAG M . 10.46 43.59 5.63
C6 NAG M . 9.54 44.79 5.51
C7 NAG M . 13.60 41.13 2.14
C8 NAG M . 15.10 41.08 2.23
N2 NAG M . 12.91 41.02 3.27
O3 NAG M . 13.84 43.62 4.04
O4 NAG M . 12.48 44.46 6.47
O5 NAG M . 9.95 42.62 4.73
O6 NAG M . 9.55 45.47 6.74
O7 NAG M . 13.05 41.30 1.06
S SO4 N . 2.58 8.92 -20.32
O1 SO4 N . 1.50 9.03 -19.33
O2 SO4 N . 2.92 10.26 -20.82
O3 SO4 N . 3.77 8.34 -19.73
O4 SO4 N . 2.15 8.08 -21.44
S SO4 O . 6.54 40.64 16.22
O1 SO4 O . 6.12 39.79 15.12
O2 SO4 O . 5.79 41.90 16.21
O3 SO4 O . 6.26 39.93 17.47
O4 SO4 O . 7.97 40.93 16.11
C1 NAG P . 13.27 46.70 5.90
C2 NAG P . 13.33 47.08 7.37
C3 NAG P . 14.34 48.21 7.51
C4 NAG P . 15.71 47.77 6.94
C5 NAG P . 15.58 47.07 5.58
C6 NAG P . 16.90 46.41 5.18
C7 NAG P . 11.61 46.84 9.06
C8 NAG P . 10.30 47.33 9.61
N2 NAG P . 12.04 47.41 7.93
O3 NAG P . 14.48 48.56 8.87
O4 NAG P . 16.55 48.91 6.84
O5 NAG P . 14.52 46.12 5.56
O6 NAG P . 16.66 45.34 4.29
O7 NAG P . 12.23 45.96 9.66
S SO4 Q . -4.71 39.27 12.64
O1 SO4 Q . -5.40 37.98 12.61
O2 SO4 Q . -5.68 40.35 12.58
O3 SO4 Q . -3.96 39.37 13.89
O4 SO4 Q . -3.82 39.37 11.50
S SO4 R . 5.57 21.90 34.52
O1 SO4 R . 5.10 20.56 34.89
O2 SO4 R . 6.86 22.19 35.15
O3 SO4 R . 5.71 22.01 33.08
O4 SO4 R . 4.60 22.86 35.03
S SO4 S . -21.02 9.90 1.37
O1 SO4 S . -21.61 8.72 2.00
O2 SO4 S . -19.56 9.82 1.42
O3 SO4 S . -21.43 9.96 -0.03
O4 SO4 S . -21.48 11.10 2.09
BR BR T . 19.20 17.03 17.87
#